data_8ES7
#
_entry.id   8ES7
#
_cell.length_a   1.00
_cell.length_b   1.00
_cell.length_c   1.00
_cell.angle_alpha   90.00
_cell.angle_beta   90.00
_cell.angle_gamma   90.00
#
_symmetry.space_group_name_H-M   'P 1'
#
loop_
_entity.id
_entity.type
_entity.pdbx_description
1 polymer 'T-cell surface glycoprotein CD3 zeta chain'
2 polymer 'T-cell surface glycoprotein CD3 delta chain'
3 polymer 'T-cell surface glycoprotein CD3 epsilon chain'
4 polymer 'T-cell surface glycoprotein CD3 gamma chain'
5 polymer 'PN45545 TCR alpha chain'
6 polymer 'PN45545 TCR beta chain'
7 branched beta-D-mannopyranose-(1-4)-2-acetamido-2-deoxy-beta-D-glucopyranose-(1-4)-2-acetamido-2-deoxy-beta-D-glucopyranose
8 branched 2-acetamido-2-deoxy-beta-D-glucopyranose-(1-4)-2-acetamido-2-deoxy-beta-D-glucopyranose
9 non-polymer 'CHOLESTEROL HEMISUCCINATE'
10 non-polymer 2-acetamido-2-deoxy-beta-D-glucopyranose
#
loop_
_entity_poly.entity_id
_entity_poly.type
_entity_poly.pdbx_seq_one_letter_code
_entity_poly.pdbx_strand_id
1 'polypeptide(L)'
;MKWKALFTAAILQAQLPITEAQSFGLLDPKLCYLLDGILFIYGVILTALFLRVKFSRSADAPAYQQGQNQLYNELNLGRR
EEYDVLDKRRGRDPEMGGKPQRRKNPQEGLYNELQKDKMAEAYSEIGMKGERRRGKGHDGLYQGLSTATKDTYDALHMQA
LPPRGSGLEVLFQ
;
Z,Y
2 'polypeptide(L)'
;MEHSTFLSGLVLATLLSQVSPFKIPIEELEDRVFVNCNTSITWVEGTVGTLLSDITRLDLGKRILDPRGIYRCNGTDIYK
DKESTVQVHYRMCQSCVELDPATVAGIIVTDVIATLLLALGVFCFAGHETGRLSGAADTQALLRNDQVYQPLRDRDDAQY
SHLGGNWARNKGSG
;
D
3 'polypeptide(L)'
;MGQSGTHWRVLGLCLLSVGVWGQDGNEEMGGITQTPYKVSISGTTVILTCPQYPGSEILWQHNDKNIGGDEDDKNIGSDE
DHLSLKEFSELEQSGYYVCYPRGSKPEDANFYLYLRARVCENCMEMDVMSVATIVIVDICITGGLLLLVYYWSKNRKAKA
KPVTRGAGAGGRQRGQNKERPPPVPNPDYEPIRKGQRDLYSGLNQRRIGSG
;
F,E
4 'polypeptide(L)'
;MEQGKGLAVLILAIILLQGTLAQSIKGNHLVKVYDYQEDGSVLLTCDAEAKNITWFKDGKMIGFLTEDKKKWNLGSNAKD
PRGMYQCKGSQNKSKPLQVYYRMCQNCIELNAATISGFLFAEIVSIFVLAVGVYFIAGQDGVRQSRASDKQTLLPNDQLY
QPLKDREDDQYSHLQGNQLRRNGSG
;
G
5 'polypeptide(L)'
;MSLSSLLKVVTASLWLGPGIAQKITQTQPGMFVQEKEAVTLDCTYDTSDPSYGLFWYKQPSSGEMIFLIYQGSYDQQNAT
EGRYSLNFQKARKSANLVISASQLGDSAMYFCAMRGGGSGGSYIPTFGRGTSLIVHPNIQNPDPAVYQLRDSKSSDKSVC
LFTDFDSQTNVSQSKDSDVYITDKTVLDMRSMDFKSNSAVAWSNKSDFACANAFNNSIIPEDTFFPSPESSCDVKLVEKS
FETDTNLNFQNLSVIGFRILLLKVAGFNLLMTLRLWSS
;
A
6 'polypeptide(L)'
;MGFRLLCCVAFCLLGAGPVDVKVTQSSRYLVKRTGEKVFLECVQDMDHENMFWYRQDPGLGLRLIYFSYDVKMKEKGDIP
EGYSVSREKKERFSLILESASTNQTSMYLCASSFTGPYNSPLHFGNGTRLTVTEDLNKVFPPEVAVFEPSEAEISHTQKA
TLVCLATGFFPDHVELSWWVNGKEVHSGVSTDPQPLKEQPALNDSRYCLSSRLRVSATFWQNPRNHFRCQVQFYGLSEND
EWTQDRAKPVTQIVSAEAWGRADCGFTSVSYQQGVLSATILYEILLGKATLYAVLVSALVLMAMVKRKDSRGRAKRGSG
;
B
#
# COMPACT_ATOMS: atom_id res chain seq x y z
N GLN A 22 -1.93 -14.02 -10.19
CA GLN A 22 -1.09 -15.13 -10.65
C GLN A 22 -0.44 -14.79 -11.97
N SER A 23 0.40 -13.75 -11.97
CA SER A 23 1.10 -13.31 -13.16
C SER A 23 2.58 -13.61 -13.03
N PHE A 24 3.13 -14.33 -14.00
CA PHE A 24 4.53 -14.72 -13.98
C PHE A 24 5.42 -13.76 -14.77
N GLY A 25 4.94 -13.20 -15.86
CA GLY A 25 5.80 -12.38 -16.70
C GLY A 25 6.90 -13.23 -17.30
N LEU A 26 8.13 -12.75 -17.23
CA LEU A 26 9.29 -13.53 -17.70
C LEU A 26 9.83 -14.40 -16.58
N LEU A 27 8.92 -15.10 -15.91
CA LEU A 27 9.24 -16.07 -14.88
C LEU A 27 8.51 -17.37 -15.10
N ASP A 28 7.81 -17.51 -16.23
CA ASP A 28 7.04 -18.72 -16.49
C ASP A 28 7.97 -19.91 -16.57
N PRO A 29 7.66 -21.02 -15.90
CA PRO A 29 8.58 -22.16 -15.87
C PRO A 29 8.80 -22.83 -17.21
N LYS A 30 8.22 -22.32 -18.30
CA LYS A 30 8.43 -22.92 -19.60
C LYS A 30 9.84 -22.70 -20.13
N LEU A 31 10.57 -21.72 -19.60
CA LEU A 31 11.85 -21.34 -20.20
C LEU A 31 12.98 -22.28 -19.79
N CYS A 32 13.22 -22.43 -18.49
CA CYS A 32 14.32 -23.32 -18.11
C CYS A 32 13.97 -24.75 -18.49
N TYR A 33 12.68 -25.10 -18.43
CA TYR A 33 12.25 -26.42 -18.87
C TYR A 33 12.41 -26.58 -20.38
N LEU A 34 12.31 -25.49 -21.14
CA LEU A 34 12.64 -25.55 -22.56
C LEU A 34 14.11 -25.89 -22.76
N LEU A 35 14.99 -25.24 -21.99
CA LEU A 35 16.41 -25.56 -22.08
C LEU A 35 16.67 -27.01 -21.68
N ASP A 36 16.02 -27.47 -20.60
CA ASP A 36 16.20 -28.84 -20.15
C ASP A 36 15.68 -29.83 -21.18
N GLY A 37 14.57 -29.51 -21.84
CA GLY A 37 14.05 -30.39 -22.87
C GLY A 37 14.97 -30.48 -24.07
N ILE A 38 15.55 -29.35 -24.47
CA ILE A 38 16.53 -29.37 -25.56
C ILE A 38 17.71 -30.27 -25.19
N LEU A 39 18.24 -30.08 -23.98
CA LEU A 39 19.38 -30.88 -23.53
C LEU A 39 19.01 -32.36 -23.45
N PHE A 40 17.80 -32.67 -22.96
CA PHE A 40 17.34 -34.05 -22.88
C PHE A 40 17.22 -34.69 -24.24
N ILE A 41 16.66 -33.97 -25.21
CA ILE A 41 16.50 -34.52 -26.55
C ILE A 41 17.87 -34.81 -27.16
N TYR A 42 18.79 -33.85 -27.02
CA TYR A 42 20.15 -34.07 -27.52
C TYR A 42 20.77 -35.30 -26.87
N GLY A 43 20.65 -35.40 -25.54
CA GLY A 43 21.25 -36.52 -24.84
C GLY A 43 20.69 -37.86 -25.25
N VAL A 44 19.36 -37.94 -25.41
CA VAL A 44 18.75 -39.23 -25.74
C VAL A 44 19.09 -39.63 -27.18
N ILE A 45 19.07 -38.68 -28.12
CA ILE A 45 19.42 -39.07 -29.48
C ILE A 45 20.90 -39.48 -29.55
N LEU A 46 21.76 -38.80 -28.80
CA LEU A 46 23.18 -39.13 -28.84
C LEU A 46 23.45 -40.49 -28.21
N THR A 47 22.78 -40.80 -27.09
CA THR A 47 23.00 -42.10 -26.48
C THR A 47 22.39 -43.22 -27.32
N ALA A 48 21.30 -42.95 -28.04
CA ALA A 48 20.77 -43.94 -28.97
C ALA A 48 21.77 -44.22 -30.09
N LEU A 49 22.37 -43.16 -30.65
CA LEU A 49 23.38 -43.36 -31.68
C LEU A 49 24.58 -44.14 -31.15
N PHE A 50 25.03 -43.80 -29.94
CA PHE A 50 26.15 -44.53 -29.33
C PHE A 50 25.82 -46.00 -29.14
N LEU A 51 24.62 -46.29 -28.64
CA LEU A 51 24.25 -47.68 -28.37
C LEU A 51 24.16 -48.46 -29.67
N ARG A 52 23.60 -47.84 -30.71
CA ARG A 52 23.53 -48.50 -32.01
C ARG A 52 24.91 -48.79 -32.56
N VAL A 53 25.83 -47.83 -32.45
CA VAL A 53 27.19 -48.06 -32.93
C VAL A 53 27.87 -49.18 -32.14
N LYS A 54 27.66 -49.20 -30.81
CA LYS A 54 28.32 -50.21 -30.00
C LYS A 54 27.81 -51.61 -30.31
N PHE A 55 26.49 -51.77 -30.45
CA PHE A 55 25.97 -53.09 -30.85
C PHE A 55 26.42 -53.46 -32.26
N SER A 56 26.42 -52.49 -33.18
CA SER A 56 26.81 -52.80 -34.56
C SER A 56 28.27 -53.26 -34.63
N ARG A 57 29.15 -52.61 -33.87
CA ARG A 57 30.55 -53.00 -33.85
C ARG A 57 30.86 -53.85 -32.63
N GLY B 25 0.99 -26.79 -12.16
CA GLY B 25 1.72 -25.87 -11.31
C GLY B 25 3.22 -26.12 -11.32
N LEU B 26 3.77 -26.40 -10.14
CA LEU B 26 5.20 -26.67 -9.98
C LEU B 26 6.04 -25.52 -10.53
N LEU B 27 5.89 -24.36 -9.92
CA LEU B 27 6.64 -23.17 -10.29
C LEU B 27 7.97 -23.07 -9.56
N ASP B 28 8.28 -24.03 -8.69
CA ASP B 28 9.56 -24.02 -8.00
C ASP B 28 10.68 -24.34 -8.98
N PRO B 29 11.68 -23.46 -9.13
CA PRO B 29 12.77 -23.74 -10.07
C PRO B 29 13.82 -24.70 -9.54
N LYS B 30 13.70 -25.14 -8.28
CA LYS B 30 14.66 -26.09 -7.74
C LYS B 30 14.63 -27.40 -8.53
N LEU B 31 13.44 -27.88 -8.86
CA LEU B 31 13.34 -29.09 -9.66
C LEU B 31 13.95 -28.89 -11.04
N CYS B 32 13.73 -27.72 -11.65
CA CYS B 32 14.29 -27.45 -12.96
C CYS B 32 15.81 -27.46 -12.92
N TYR B 33 16.39 -26.85 -11.88
CA TYR B 33 17.85 -26.82 -11.75
C TYR B 33 18.41 -28.21 -11.48
N LEU B 34 17.76 -29.00 -10.63
CA LEU B 34 18.24 -30.36 -10.40
C LEU B 34 18.19 -31.18 -11.68
N LEU B 35 17.10 -31.05 -12.44
CA LEU B 35 16.94 -31.82 -13.66
C LEU B 35 18.03 -31.47 -14.67
N ASP B 36 18.29 -30.18 -14.88
CA ASP B 36 19.30 -29.85 -15.87
C ASP B 36 20.71 -30.13 -15.35
N GLY B 37 20.92 -30.09 -14.03
CA GLY B 37 22.21 -30.48 -13.50
C GLY B 37 22.51 -31.95 -13.75
N ILE B 38 21.51 -32.81 -13.60
CA ILE B 38 21.70 -34.22 -13.93
C ILE B 38 21.92 -34.40 -15.44
N LEU B 39 21.07 -33.75 -16.24
CA LEU B 39 21.14 -33.94 -17.69
C LEU B 39 22.46 -33.45 -18.26
N PHE B 40 23.04 -32.39 -17.68
CA PHE B 40 24.29 -31.84 -18.21
C PHE B 40 25.42 -32.86 -18.11
N ILE B 41 25.63 -33.44 -16.93
CA ILE B 41 26.71 -34.40 -16.76
C ILE B 41 26.43 -35.66 -17.57
N TYR B 42 25.17 -36.12 -17.59
CA TYR B 42 24.86 -37.29 -18.41
C TYR B 42 25.19 -37.03 -19.87
N GLY B 43 24.81 -35.86 -20.39
CA GLY B 43 25.04 -35.56 -21.79
C GLY B 43 26.52 -35.45 -22.13
N VAL B 44 27.30 -34.81 -21.27
CA VAL B 44 28.73 -34.67 -21.60
C VAL B 44 29.43 -36.03 -21.53
N ILE B 45 29.08 -36.86 -20.55
CA ILE B 45 29.70 -38.18 -20.45
C ILE B 45 29.38 -39.01 -21.68
N LEU B 46 28.10 -39.06 -22.07
CA LEU B 46 27.75 -39.84 -23.24
C LEU B 46 28.32 -39.24 -24.52
N THR B 47 28.47 -37.92 -24.59
CA THR B 47 29.11 -37.30 -25.74
C THR B 47 30.54 -37.78 -25.89
N ALA B 48 31.30 -37.75 -24.79
CA ALA B 48 32.68 -38.22 -24.86
C ALA B 48 32.75 -39.69 -25.25
N LEU B 49 31.91 -40.52 -24.63
CA LEU B 49 31.98 -41.95 -24.88
C LEU B 49 31.62 -42.29 -26.33
N PHE B 50 30.54 -41.69 -26.84
CA PHE B 50 30.15 -41.93 -28.22
C PHE B 50 31.20 -41.41 -29.19
N LEU B 51 31.72 -40.20 -28.95
CA LEU B 51 32.68 -39.62 -29.89
C LEU B 51 33.98 -40.40 -29.92
N ARG B 52 34.32 -41.10 -28.83
CA ARG B 52 35.43 -42.04 -28.91
C ARG B 52 35.05 -43.34 -29.62
N VAL B 53 33.86 -43.88 -29.35
CA VAL B 53 33.49 -45.17 -29.93
C VAL B 53 33.41 -45.06 -31.45
N LYS B 54 32.87 -43.96 -31.95
CA LYS B 54 32.80 -43.77 -33.40
C LYS B 54 34.19 -43.70 -34.02
N PHE B 55 35.12 -42.98 -33.40
CA PHE B 55 36.47 -42.86 -33.91
C PHE B 55 37.42 -43.79 -33.17
N PHE C 22 -20.17 13.62 -18.46
CA PHE C 22 -20.87 12.35 -18.34
C PHE C 22 -19.93 11.18 -18.61
N LYS C 23 -19.14 10.85 -17.60
CA LYS C 23 -18.15 9.80 -17.66
C LYS C 23 -18.61 8.60 -16.85
N ILE C 24 -18.46 7.41 -17.42
CA ILE C 24 -18.80 6.17 -16.72
C ILE C 24 -17.76 5.97 -15.62
N PRO C 25 -18.17 5.90 -14.35
CA PRO C 25 -17.19 5.77 -13.26
C PRO C 25 -16.45 4.44 -13.31
N ILE C 26 -15.13 4.52 -13.22
CA ILE C 26 -14.25 3.36 -13.12
C ILE C 26 -13.59 3.44 -11.76
N GLU C 27 -13.79 2.42 -10.93
CA GLU C 27 -13.28 2.45 -9.58
C GLU C 27 -12.22 1.36 -9.39
N GLU C 28 -11.30 1.61 -8.46
CA GLU C 28 -10.14 0.75 -8.24
C GLU C 28 -10.13 0.35 -6.77
N LEU C 29 -10.80 -0.75 -6.44
CA LEU C 29 -10.79 -1.26 -5.08
C LEU C 29 -9.51 -2.05 -4.87
N GLU C 30 -9.45 -2.85 -3.79
CA GLU C 30 -8.19 -3.31 -3.21
C GLU C 30 -7.11 -3.67 -4.24
N ASP C 31 -7.38 -4.63 -5.12
CA ASP C 31 -6.46 -4.92 -6.21
C ASP C 31 -7.16 -5.21 -7.53
N ARG C 32 -8.45 -4.97 -7.63
CA ARG C 32 -9.22 -5.19 -8.85
C ARG C 32 -9.73 -3.87 -9.39
N VAL C 33 -10.34 -3.92 -10.56
CA VAL C 33 -10.93 -2.76 -11.19
C VAL C 33 -12.39 -3.05 -11.54
N PHE C 34 -13.26 -2.08 -11.30
CA PHE C 34 -14.70 -2.23 -11.50
C PHE C 34 -15.23 -1.10 -12.36
N VAL C 35 -16.30 -1.39 -13.09
CA VAL C 35 -17.05 -0.41 -13.87
C VAL C 35 -18.39 -0.20 -13.17
N ASN C 36 -18.79 1.05 -13.01
CA ASN C 36 -20.03 1.37 -12.32
C ASN C 36 -20.94 2.19 -13.22
N CYS C 37 -22.20 1.77 -13.32
CA CYS C 37 -23.24 2.54 -13.98
C CYS C 37 -24.50 2.53 -13.11
N ASN C 38 -25.53 3.23 -13.55
CA ASN C 38 -26.82 3.20 -12.89
C ASN C 38 -27.80 2.22 -13.54
N THR C 39 -27.42 1.62 -14.66
CA THR C 39 -28.23 0.61 -15.34
C THR C 39 -27.32 -0.55 -15.74
N SER C 40 -27.84 -1.45 -16.56
CA SER C 40 -27.05 -2.57 -17.04
C SER C 40 -25.95 -2.08 -17.97
N ILE C 41 -24.77 -2.68 -17.84
CA ILE C 41 -23.61 -2.29 -18.63
C ILE C 41 -23.51 -3.20 -19.85
N THR C 42 -23.43 -2.60 -21.03
CA THR C 42 -23.34 -3.34 -22.28
C THR C 42 -21.88 -3.45 -22.69
N TRP C 43 -21.43 -4.67 -22.96
CA TRP C 43 -20.07 -4.94 -23.37
C TRP C 43 -19.95 -4.76 -24.88
N VAL C 44 -19.06 -3.86 -25.31
CA VAL C 44 -18.85 -3.62 -26.74
C VAL C 44 -17.72 -4.47 -27.28
N GLU C 45 -16.56 -4.47 -26.60
CA GLU C 45 -15.48 -5.35 -27.02
C GLU C 45 -14.48 -5.49 -25.88
N GLY C 46 -13.57 -6.45 -26.03
CA GLY C 46 -12.49 -6.61 -25.08
C GLY C 46 -12.77 -7.57 -23.95
N THR C 47 -12.30 -7.24 -22.75
CA THR C 47 -12.47 -8.12 -21.59
C THR C 47 -13.95 -8.32 -21.28
N VAL C 48 -14.35 -9.58 -21.11
CA VAL C 48 -15.74 -9.89 -20.86
C VAL C 48 -16.15 -9.45 -19.45
N GLY C 49 -15.32 -9.73 -18.46
CA GLY C 49 -15.61 -9.34 -17.09
C GLY C 49 -16.49 -10.34 -16.37
N THR C 50 -16.74 -10.04 -15.09
CA THR C 50 -17.55 -10.89 -14.22
C THR C 50 -18.54 -10.01 -13.47
N LEU C 51 -19.80 -10.45 -13.43
CA LEU C 51 -20.83 -9.71 -12.73
C LEU C 51 -20.81 -10.00 -11.24
N LEU C 52 -21.21 -9.01 -10.45
CA LEU C 52 -21.14 -9.08 -8.99
C LEU C 52 -22.44 -9.55 -8.36
N SER C 53 -23.37 -10.08 -9.15
CA SER C 53 -24.78 -10.27 -8.82
C SER C 53 -25.50 -8.94 -8.71
N ASP C 54 -24.80 -7.83 -8.84
CA ASP C 54 -25.39 -6.51 -9.01
C ASP C 54 -25.29 -6.16 -10.49
N ILE C 55 -26.43 -5.92 -11.12
CA ILE C 55 -26.45 -5.68 -12.57
C ILE C 55 -25.68 -4.42 -12.91
N THR C 56 -25.68 -3.43 -12.02
CA THR C 56 -25.06 -2.14 -12.27
C THR C 56 -23.58 -2.11 -11.89
N ARG C 57 -22.91 -3.26 -11.84
CA ARG C 57 -21.49 -3.32 -11.52
C ARG C 57 -20.86 -4.48 -12.28
N LEU C 58 -19.67 -4.23 -12.83
CA LEU C 58 -18.95 -5.23 -13.62
C LEU C 58 -17.51 -5.28 -13.15
N ASP C 59 -17.01 -6.49 -12.90
CA ASP C 59 -15.65 -6.71 -12.41
C ASP C 59 -14.76 -7.13 -13.56
N LEU C 60 -13.68 -6.39 -13.78
CA LEU C 60 -12.73 -6.68 -14.85
C LEU C 60 -11.48 -7.41 -14.36
N GLY C 61 -11.39 -7.72 -13.07
CA GLY C 61 -10.26 -8.45 -12.56
C GLY C 61 -9.14 -7.56 -12.06
N LYS C 62 -8.00 -8.21 -11.85
CA LYS C 62 -6.83 -7.54 -11.30
C LYS C 62 -6.24 -6.54 -12.30
N ARG C 63 -5.58 -5.52 -11.77
CA ARG C 63 -5.00 -4.48 -12.61
C ARG C 63 -3.72 -4.95 -13.30
N ILE C 64 -2.94 -5.82 -12.66
CA ILE C 64 -1.68 -6.27 -13.25
C ILE C 64 -1.87 -7.20 -14.42
N LEU C 65 -3.08 -7.69 -14.65
CA LEU C 65 -3.38 -8.55 -15.78
C LEU C 65 -3.76 -7.76 -17.03
N ASP C 66 -3.68 -6.43 -16.97
CA ASP C 66 -3.92 -5.53 -18.09
C ASP C 66 -5.32 -5.69 -18.67
N PRO C 67 -6.37 -5.33 -17.94
CA PRO C 67 -7.72 -5.38 -18.52
C PRO C 67 -7.91 -4.25 -19.51
N ARG C 68 -8.30 -4.60 -20.73
CA ARG C 68 -8.55 -3.61 -21.78
C ARG C 68 -9.84 -3.95 -22.48
N GLY C 69 -10.63 -2.93 -22.79
CA GLY C 69 -11.90 -3.16 -23.46
C GLY C 69 -12.68 -1.88 -23.65
N ILE C 70 -13.85 -2.03 -24.28
CA ILE C 70 -14.77 -0.94 -24.54
C ILE C 70 -16.14 -1.36 -24.04
N TYR C 71 -16.73 -0.53 -23.18
CA TYR C 71 -18.03 -0.79 -22.57
C TYR C 71 -18.93 0.42 -22.76
N ARG C 72 -20.23 0.20 -22.59
CA ARG C 72 -21.23 1.21 -22.91
C ARG C 72 -22.40 1.06 -21.95
N CYS C 73 -22.97 2.19 -21.52
CA CYS C 73 -24.13 2.13 -20.65
C CYS C 73 -24.90 3.46 -20.70
N ASN C 74 -26.10 3.42 -20.12
CA ASN C 74 -27.01 4.55 -20.10
C ASN C 74 -26.76 5.42 -18.88
N GLY C 75 -27.69 6.34 -18.59
CA GLY C 75 -27.58 7.19 -17.42
C GLY C 75 -28.94 7.45 -16.80
N THR C 76 -28.91 8.10 -15.63
CA THR C 76 -30.13 8.46 -14.91
C THR C 76 -30.09 9.91 -14.46
N ASP C 77 -31.02 10.29 -13.58
CA ASP C 77 -31.14 11.65 -13.07
C ASP C 77 -31.40 12.64 -14.20
N ILE C 78 -30.40 13.47 -14.52
CA ILE C 78 -30.54 14.38 -15.65
C ILE C 78 -30.15 13.73 -16.97
N TYR C 79 -29.48 12.60 -16.93
CA TYR C 79 -29.03 11.91 -18.15
C TYR C 79 -30.00 10.79 -18.54
N LYS C 80 -31.26 11.18 -18.77
CA LYS C 80 -32.27 10.18 -19.11
C LYS C 80 -32.01 9.52 -20.45
N ASP C 81 -31.70 10.30 -21.48
CA ASP C 81 -31.79 9.82 -22.86
C ASP C 81 -30.50 10.07 -23.62
N LYS C 82 -29.37 9.66 -23.05
CA LYS C 82 -28.11 9.73 -23.77
C LYS C 82 -27.15 8.65 -23.29
N GLU C 83 -26.51 7.99 -24.26
CA GLU C 83 -25.60 6.88 -24.02
C GLU C 83 -24.27 7.39 -23.45
N SER C 84 -23.38 6.45 -23.13
CA SER C 84 -22.00 6.78 -22.91
C SER C 84 -21.15 5.54 -23.15
N THR C 85 -19.95 5.77 -23.69
CA THR C 85 -18.99 4.72 -23.99
C THR C 85 -17.68 5.05 -23.28
N VAL C 86 -17.05 4.03 -22.71
CA VAL C 86 -15.76 4.20 -22.04
C VAL C 86 -14.83 3.08 -22.50
N GLN C 87 -13.58 3.44 -22.75
CA GLN C 87 -12.55 2.47 -23.11
C GLN C 87 -11.54 2.40 -21.97
N VAL C 88 -11.38 1.22 -21.40
CA VAL C 88 -10.42 0.97 -20.33
C VAL C 88 -9.16 0.40 -20.96
N HIS C 89 -8.01 0.97 -20.62
CA HIS C 89 -6.72 0.56 -21.15
C HIS C 89 -5.70 0.56 -20.02
N TYR C 90 -5.12 -0.60 -19.74
CA TYR C 90 -4.13 -0.75 -18.67
C TYR C 90 -2.80 -1.23 -19.25
N ARG C 91 -1.71 -0.85 -18.59
CA ARG C 91 -0.37 -1.21 -19.03
C ARG C 91 0.53 -1.18 -17.79
N MET C 92 0.87 -2.35 -17.27
CA MET C 92 1.53 -2.44 -15.97
C MET C 92 2.93 -3.03 -16.00
N CYS C 93 3.42 -3.49 -17.15
CA CYS C 93 4.74 -4.13 -17.25
C CYS C 93 4.93 -5.26 -16.22
N GLN C 94 4.14 -6.30 -16.40
CA GLN C 94 4.49 -7.58 -15.78
C GLN C 94 5.52 -8.32 -16.63
N SER C 95 5.60 -8.01 -17.92
CA SER C 95 6.59 -8.59 -18.81
C SER C 95 7.67 -7.61 -19.24
N CYS C 96 7.61 -6.36 -18.80
CA CYS C 96 8.66 -5.40 -19.14
C CYS C 96 9.96 -5.78 -18.46
N VAL C 97 11.07 -5.38 -19.09
CA VAL C 97 12.41 -5.59 -18.53
C VAL C 97 13.31 -4.46 -19.02
N GLU C 98 14.15 -3.94 -18.13
CA GLU C 98 15.03 -2.84 -18.48
C GLU C 98 16.25 -3.36 -19.24
N LEU C 99 16.62 -2.65 -20.31
CA LEU C 99 17.70 -3.09 -21.19
C LEU C 99 18.47 -1.87 -21.68
N ASP C 100 19.56 -1.55 -21.00
CA ASP C 100 20.44 -0.48 -21.47
C ASP C 100 21.14 -0.93 -22.75
N PRO C 101 21.38 -0.01 -23.69
CA PRO C 101 22.07 -0.40 -24.92
C PRO C 101 23.47 -0.96 -24.69
N ALA C 102 24.19 -0.47 -23.69
CA ALA C 102 25.50 -1.03 -23.39
C ALA C 102 25.40 -2.49 -22.98
N THR C 103 24.40 -2.82 -22.15
CA THR C 103 24.24 -4.19 -21.70
C THR C 103 23.94 -5.14 -22.86
N VAL C 104 23.05 -4.75 -23.77
CA VAL C 104 22.75 -5.63 -24.90
C VAL C 104 23.95 -5.74 -25.83
N ALA C 105 24.68 -4.63 -26.01
CA ALA C 105 25.91 -4.71 -26.82
C ALA C 105 26.86 -5.74 -26.23
N GLY C 106 27.03 -5.70 -24.90
CA GLY C 106 27.85 -6.71 -24.24
C GLY C 106 27.32 -8.11 -24.44
N ILE C 107 26.00 -8.28 -24.38
CA ILE C 107 25.42 -9.62 -24.53
C ILE C 107 25.73 -10.21 -25.89
N ILE C 108 25.46 -9.44 -26.96
CA ILE C 108 25.74 -9.97 -28.30
C ILE C 108 27.24 -10.18 -28.52
N VAL C 109 28.10 -9.26 -28.05
CA VAL C 109 29.52 -9.48 -28.32
C VAL C 109 30.03 -10.71 -27.56
N THR C 110 29.55 -10.92 -26.33
CA THR C 110 29.97 -12.10 -25.58
C THR C 110 29.48 -13.38 -26.24
N ASP C 111 28.24 -13.38 -26.73
CA ASP C 111 27.72 -14.58 -27.40
C ASP C 111 28.49 -14.88 -28.67
N VAL C 112 28.85 -13.83 -29.43
CA VAL C 112 29.62 -14.03 -30.65
C VAL C 112 31.00 -14.58 -30.31
N ILE C 113 31.62 -14.06 -29.26
CA ILE C 113 32.92 -14.59 -28.83
C ILE C 113 32.81 -16.06 -28.47
N ALA C 114 31.76 -16.42 -27.73
CA ALA C 114 31.59 -17.81 -27.31
C ALA C 114 31.40 -18.73 -28.51
N THR C 115 30.58 -18.32 -29.48
CA THR C 115 30.35 -19.19 -30.63
C THR C 115 31.59 -19.28 -31.52
N LEU C 116 32.37 -18.19 -31.62
CA LEU C 116 33.63 -18.26 -32.35
C LEU C 116 34.61 -19.22 -31.66
N LEU C 117 34.65 -19.20 -30.33
CA LEU C 117 35.49 -20.14 -29.60
C LEU C 117 35.06 -21.57 -29.84
N LEU C 118 33.75 -21.82 -29.86
CA LEU C 118 33.26 -23.16 -30.13
C LEU C 118 33.63 -23.61 -31.54
N ALA C 119 33.52 -22.71 -32.52
CA ALA C 119 33.91 -23.05 -33.88
C ALA C 119 35.40 -23.34 -33.98
N LEU C 120 36.22 -22.57 -33.26
CA LEU C 120 37.65 -22.83 -33.25
C LEU C 120 37.96 -24.19 -32.65
N GLY C 121 37.26 -24.55 -31.57
CA GLY C 121 37.44 -25.87 -31.00
C GLY C 121 37.04 -26.98 -31.96
N VAL C 122 35.94 -26.79 -32.68
CA VAL C 122 35.53 -27.78 -33.68
C VAL C 122 36.60 -27.92 -34.76
N PHE C 123 37.14 -26.80 -35.23
CA PHE C 123 38.17 -26.85 -36.27
C PHE C 123 39.42 -27.57 -35.78
N CYS C 124 39.84 -27.29 -34.54
CA CYS C 124 41.02 -27.97 -34.00
C CYS C 124 40.77 -29.46 -33.81
N PHE C 125 39.55 -29.85 -33.42
CA PHE C 125 39.24 -31.26 -33.25
C PHE C 125 39.11 -31.98 -34.59
N ALA C 126 38.80 -31.24 -35.66
CA ALA C 126 38.48 -31.88 -36.94
C ALA C 126 39.66 -32.69 -37.46
N GLY C 127 40.88 -32.17 -37.33
CA GLY C 127 42.04 -32.88 -37.82
C GLY C 127 42.30 -34.20 -37.12
N HIS C 128 41.99 -34.27 -35.83
CA HIS C 128 42.29 -35.45 -35.04
C HIS C 128 41.02 -36.12 -34.52
N GLN D 34 26.97 19.27 5.40
CA GLN D 34 28.08 19.13 6.34
C GLN D 34 28.63 17.71 6.31
N THR D 35 28.88 17.15 7.50
CA THR D 35 29.37 15.79 7.63
C THR D 35 28.20 14.88 7.95
N PRO D 36 27.86 13.92 7.09
CA PRO D 36 26.65 13.12 7.30
C PRO D 36 26.83 12.10 8.41
N TYR D 37 25.71 11.52 8.83
CA TYR D 37 25.74 10.44 9.79
C TYR D 37 26.44 9.23 9.18
N LYS D 38 27.08 8.43 10.05
CA LYS D 38 27.58 7.13 9.62
C LYS D 38 26.62 6.04 10.07
N VAL D 39 26.27 5.14 9.15
CA VAL D 39 25.39 4.02 9.44
C VAL D 39 26.19 2.74 9.24
N SER D 40 26.32 1.96 10.30
CA SER D 40 27.05 0.69 10.26
C SER D 40 26.08 -0.44 10.57
N ILE D 41 26.06 -1.45 9.71
CA ILE D 41 25.16 -2.59 9.87
C ILE D 41 26.02 -3.84 9.96
N SER D 42 25.83 -4.61 11.03
CA SER D 42 26.55 -5.87 11.25
C SER D 42 25.56 -6.86 11.87
N GLY D 43 24.94 -7.65 11.02
CA GLY D 43 23.92 -8.59 11.50
C GLY D 43 22.62 -7.85 11.71
N THR D 44 22.04 -8.00 12.91
CA THR D 44 20.81 -7.33 13.28
C THR D 44 21.05 -6.06 14.09
N THR D 45 22.29 -5.64 14.23
CA THR D 45 22.64 -4.45 15.00
C THR D 45 22.98 -3.30 14.07
N VAL D 46 22.32 -2.16 14.26
CA VAL D 46 22.52 -0.98 13.43
C VAL D 46 23.03 0.14 14.32
N ILE D 47 24.14 0.75 13.92
CA ILE D 47 24.79 1.78 14.73
C ILE D 47 24.81 3.07 13.92
N LEU D 48 24.29 4.14 14.51
CA LEU D 48 24.28 5.46 13.89
C LEU D 48 25.26 6.37 14.64
N THR D 49 26.08 7.09 13.88
CA THR D 49 27.12 7.94 14.42
C THR D 49 26.91 9.37 13.94
N CYS D 50 26.99 10.31 14.89
CA CYS D 50 26.65 11.72 14.67
C CYS D 50 27.92 12.57 14.72
N PRO D 51 28.46 12.99 13.57
CA PRO D 51 29.74 13.70 13.60
C PRO D 51 29.67 15.10 14.17
N GLN D 52 28.55 15.78 14.02
CA GLN D 52 28.44 17.18 14.41
C GLN D 52 28.51 17.32 15.92
N TYR D 53 28.69 18.57 16.37
CA TYR D 53 28.75 18.93 17.78
C TYR D 53 29.85 18.16 18.50
N PRO D 54 31.12 18.47 18.23
CA PRO D 54 32.20 17.76 18.92
C PRO D 54 32.29 18.18 20.39
N GLY D 55 32.38 17.19 21.27
CA GLY D 55 32.53 17.44 22.69
C GLY D 55 31.26 17.80 23.42
N SER D 56 30.11 17.82 22.75
CA SER D 56 28.83 18.15 23.36
C SER D 56 27.99 16.89 23.47
N GLU D 57 27.41 16.67 24.65
CA GLU D 57 26.62 15.46 24.87
C GLU D 57 25.35 15.50 24.02
N ILE D 58 24.96 14.33 23.53
CA ILE D 58 24.03 14.19 22.42
C ILE D 58 22.73 13.57 22.90
N LEU D 59 21.61 14.07 22.39
CA LEU D 59 20.30 13.45 22.54
C LEU D 59 19.78 13.06 21.17
N TRP D 60 19.06 11.93 21.13
CA TRP D 60 18.59 11.31 19.90
C TRP D 60 17.07 11.20 19.91
N GLN D 61 16.46 11.52 18.77
CA GLN D 61 15.01 11.42 18.65
C GLN D 61 14.63 10.61 17.43
N HIS D 62 13.65 9.72 17.64
CA HIS D 62 13.01 8.94 16.58
C HIS D 62 11.53 9.29 16.53
N ASN D 63 11.09 9.82 15.39
CA ASN D 63 9.68 10.12 15.15
C ASN D 63 9.11 11.02 16.24
N ASP D 64 9.88 12.03 16.64
CA ASP D 64 9.51 13.01 17.66
C ASP D 64 9.39 12.38 19.05
N LYS D 65 10.00 11.22 19.26
CA LYS D 65 10.07 10.58 20.57
C LYS D 65 11.53 10.42 20.96
N ASN D 66 11.88 10.88 22.15
CA ASN D 66 13.27 10.78 22.60
C ASN D 66 13.63 9.32 22.88
N ILE D 67 14.80 8.89 22.39
CA ILE D 67 15.30 7.55 22.64
C ILE D 67 16.76 7.64 23.04
N GLY D 68 17.29 6.52 23.54
CA GLY D 68 18.66 6.44 23.98
C GLY D 68 18.91 6.86 25.41
N GLY D 69 17.88 7.32 26.12
CA GLY D 69 18.05 7.75 27.50
C GLY D 69 18.11 6.57 28.46
N ASP D 70 18.06 6.90 29.74
CA ASP D 70 18.13 5.91 30.81
C ASP D 70 16.78 5.19 30.97
N GLU D 71 16.40 4.48 29.92
CA GLU D 71 15.15 3.73 29.88
C GLU D 71 15.45 2.24 29.97
N ASP D 72 14.54 1.49 30.60
CA ASP D 72 14.74 0.08 30.89
C ASP D 72 14.60 -0.72 29.60
N ASP D 73 15.65 -0.68 28.78
CA ASP D 73 15.70 -1.44 27.54
C ASP D 73 17.15 -1.67 27.16
N LYS D 74 17.50 -2.92 26.88
CA LYS D 74 18.85 -3.27 26.46
C LYS D 74 19.03 -3.28 24.94
N ASN D 75 17.92 -3.29 24.19
CA ASN D 75 18.04 -3.32 22.73
C ASN D 75 18.53 -2.00 22.16
N ILE D 76 18.22 -0.89 22.82
CA ILE D 76 18.60 0.44 22.36
C ILE D 76 19.59 1.03 23.35
N GLY D 77 20.75 1.44 22.86
CA GLY D 77 21.79 1.96 23.72
C GLY D 77 22.41 3.22 23.14
N SER D 78 22.93 4.06 24.04
CA SER D 78 23.54 5.32 23.67
C SER D 78 24.74 5.61 24.57
N ASP D 79 25.82 6.08 23.96
CA ASP D 79 27.02 6.50 24.68
C ASP D 79 27.36 7.90 24.16
N GLU D 80 28.60 8.33 24.42
CA GLU D 80 29.08 9.67 24.08
C GLU D 80 28.59 10.18 22.73
N ASP D 81 28.92 9.47 21.65
CA ASP D 81 28.33 9.79 20.33
C ASP D 81 28.16 8.48 19.55
N HIS D 82 27.01 7.85 19.73
CA HIS D 82 26.61 6.64 19.02
C HIS D 82 25.14 6.41 19.34
N LEU D 83 24.52 5.54 18.54
CA LEU D 83 23.20 5.03 18.87
C LEU D 83 23.10 3.63 18.31
N SER D 84 23.02 2.64 19.18
CA SER D 84 23.01 1.24 18.79
C SER D 84 21.62 0.67 18.95
N LEU D 85 21.06 0.17 17.85
CA LEU D 85 19.74 -0.46 17.84
C LEU D 85 19.96 -1.95 17.56
N LYS D 86 19.65 -2.78 18.54
CA LYS D 86 19.87 -4.21 18.46
C LYS D 86 18.55 -4.91 18.13
N GLU D 87 18.65 -5.99 17.35
CA GLU D 87 17.49 -6.69 16.81
C GLU D 87 16.57 -5.71 16.08
N PHE D 88 17.16 -5.05 15.07
CA PHE D 88 16.46 -4.01 14.33
C PHE D 88 15.22 -4.59 13.65
N SER D 89 14.10 -3.89 13.82
CA SER D 89 12.83 -4.26 13.20
C SER D 89 12.49 -3.21 12.15
N GLU D 90 12.31 -3.66 10.91
CA GLU D 90 12.12 -2.71 9.81
C GLU D 90 10.84 -1.90 9.98
N LEU D 91 9.76 -2.55 10.43
CA LEU D 91 8.48 -1.86 10.51
C LEU D 91 8.46 -0.83 11.63
N GLU D 92 9.06 -1.14 12.78
CA GLU D 92 8.94 -0.26 13.94
C GLU D 92 10.03 0.81 14.00
N GLN D 93 11.23 0.54 13.49
CA GLN D 93 12.37 1.41 13.72
C GLN D 93 12.84 2.14 12.45
N SER D 94 12.06 2.11 11.38
CA SER D 94 12.39 2.86 10.18
C SER D 94 11.68 4.20 10.21
N GLY D 95 12.42 5.25 9.87
CA GLY D 95 11.82 6.58 9.88
C GLY D 95 12.89 7.63 10.11
N TYR D 96 12.48 8.70 10.80
CA TYR D 96 13.31 9.88 10.97
C TYR D 96 14.09 9.81 12.28
N TYR D 97 15.40 10.01 12.19
CA TYR D 97 16.29 10.13 13.34
C TYR D 97 16.93 11.49 13.33
N VAL D 98 17.03 12.10 14.50
CA VAL D 98 17.65 13.42 14.62
C VAL D 98 18.56 13.47 15.84
N CYS D 99 19.65 14.21 15.69
CA CYS D 99 20.73 14.35 16.64
C CYS D 99 20.80 15.80 17.10
N TYR D 100 20.77 16.04 18.41
CA TYR D 100 20.91 17.42 18.84
C TYR D 100 21.61 17.49 20.19
N PRO D 101 22.37 18.55 20.45
CA PRO D 101 23.03 18.69 21.75
C PRO D 101 22.01 19.00 22.86
N ARG D 102 22.42 18.71 24.09
CA ARG D 102 21.54 18.90 25.23
C ARG D 102 21.22 20.38 25.41
N GLY D 103 19.98 20.66 25.81
CA GLY D 103 19.54 22.02 26.03
C GLY D 103 19.11 22.77 24.78
N SER D 104 19.15 22.13 23.62
CA SER D 104 18.73 22.73 22.36
C SER D 104 17.36 22.17 21.98
N LYS D 105 16.91 22.53 20.78
CA LYS D 105 15.60 22.10 20.31
C LYS D 105 15.76 21.20 19.09
N PRO D 106 14.90 20.20 18.93
CA PRO D 106 15.04 19.29 17.78
C PRO D 106 15.01 19.99 16.44
N GLU D 107 14.15 21.01 16.28
CA GLU D 107 14.07 21.69 15.00
C GLU D 107 15.30 22.57 14.73
N ASP D 108 16.06 22.89 15.77
CA ASP D 108 17.29 23.64 15.58
C ASP D 108 18.44 22.78 15.04
N ALA D 109 18.28 21.46 15.05
CA ALA D 109 19.27 20.59 14.43
C ALA D 109 19.27 20.81 12.92
N ASN D 110 20.46 20.66 12.33
CA ASN D 110 20.67 20.97 10.92
C ASN D 110 20.61 19.75 10.01
N PHE D 111 20.22 18.59 10.54
CA PHE D 111 20.15 17.37 9.76
C PHE D 111 18.99 16.51 10.24
N TYR D 112 18.33 15.84 9.31
CA TYR D 112 17.42 14.74 9.60
C TYR D 112 17.82 13.54 8.76
N LEU D 113 17.79 12.36 9.36
CA LEU D 113 18.17 11.14 8.66
C LEU D 113 16.94 10.26 8.49
N TYR D 114 16.65 9.86 7.27
CA TYR D 114 15.56 8.93 6.98
C TYR D 114 16.17 7.56 6.74
N LEU D 115 15.98 6.65 7.67
CA LEU D 115 16.59 5.32 7.62
C LEU D 115 15.51 4.28 7.42
N ARG D 116 15.63 3.47 6.37
CA ARG D 116 14.80 2.30 6.15
C ARG D 116 15.70 1.16 5.74
N ALA D 117 15.74 0.11 6.55
CA ALA D 117 16.68 -0.98 6.33
C ALA D 117 16.06 -2.32 6.67
N ARG D 118 16.57 -3.36 6.02
CA ARG D 118 16.26 -4.74 6.35
C ARG D 118 17.51 -5.42 6.87
N VAL D 119 17.35 -6.27 7.89
CA VAL D 119 18.49 -6.93 8.51
C VAL D 119 18.22 -8.42 8.63
N CYS D 120 19.31 -9.18 8.72
CA CYS D 120 19.28 -10.61 8.95
C CYS D 120 20.26 -10.98 10.05
N GLU D 121 20.05 -12.16 10.64
CA GLU D 121 21.10 -12.76 11.46
C GLU D 121 22.26 -13.22 10.59
N ASN D 122 21.97 -13.90 9.48
CA ASN D 122 22.98 -14.32 8.50
C ASN D 122 22.50 -14.08 7.08
N CYS D 123 22.71 -12.85 6.60
CA CYS D 123 22.49 -12.49 5.19
C CYS D 123 23.74 -11.78 4.71
N MET D 124 24.65 -12.54 4.09
CA MET D 124 25.85 -11.96 3.51
C MET D 124 25.54 -11.52 2.07
N GLU D 125 25.98 -10.31 1.73
CA GLU D 125 25.51 -9.64 0.53
C GLU D 125 26.34 -10.00 -0.69
N MET D 126 25.66 -10.20 -1.81
CA MET D 126 26.30 -10.54 -3.08
C MET D 126 26.38 -9.30 -3.96
N ASP D 127 27.43 -8.51 -3.75
CA ASP D 127 27.73 -7.39 -4.63
C ASP D 127 28.85 -7.80 -5.59
N VAL D 128 29.34 -6.84 -6.38
CA VAL D 128 30.33 -7.15 -7.41
C VAL D 128 31.64 -7.62 -6.77
N MET D 129 32.09 -6.92 -5.72
CA MET D 129 33.39 -7.24 -5.13
C MET D 129 33.37 -8.61 -4.46
N SER D 130 32.28 -8.95 -3.76
CA SER D 130 32.21 -10.26 -3.10
C SER D 130 32.19 -11.39 -4.12
N VAL D 131 31.42 -11.22 -5.19
CA VAL D 131 31.36 -12.24 -6.24
C VAL D 131 32.73 -12.39 -6.89
N ALA D 132 33.41 -11.28 -7.17
CA ALA D 132 34.74 -11.36 -7.76
C ALA D 132 35.72 -12.08 -6.83
N THR D 133 35.66 -11.78 -5.54
CA THR D 133 36.55 -12.45 -4.59
C THR D 133 36.28 -13.95 -4.55
N ILE D 134 35.02 -14.34 -4.49
CA ILE D 134 34.67 -15.75 -4.42
C ILE D 134 35.10 -16.48 -5.69
N VAL D 135 34.86 -15.87 -6.85
CA VAL D 135 35.26 -16.48 -8.10
C VAL D 135 36.78 -16.64 -8.16
N ILE D 136 37.53 -15.61 -7.74
CA ILE D 136 38.98 -15.66 -7.81
C ILE D 136 39.52 -16.77 -6.90
N VAL D 137 39.00 -16.86 -5.68
CA VAL D 137 39.52 -17.89 -4.77
C VAL D 137 39.13 -19.28 -5.26
N ASP D 138 37.92 -19.44 -5.77
CA ASP D 138 37.55 -20.75 -6.32
C ASP D 138 38.47 -21.13 -7.47
N ILE D 139 38.81 -20.17 -8.32
CA ILE D 139 39.74 -20.44 -9.41
C ILE D 139 41.10 -20.86 -8.87
N CYS D 140 41.60 -20.18 -7.83
CA CYS D 140 42.97 -20.49 -7.39
C CYS D 140 43.05 -21.86 -6.74
N ILE D 141 42.10 -22.21 -5.86
CA ILE D 141 42.12 -23.57 -5.31
C ILE D 141 41.89 -24.61 -6.40
N THR D 142 40.97 -24.35 -7.34
CA THR D 142 40.74 -25.32 -8.40
C THR D 142 42.00 -25.54 -9.22
N GLY D 143 42.72 -24.46 -9.56
CA GLY D 143 43.94 -24.60 -10.32
C GLY D 143 45.02 -25.34 -9.56
N GLY D 144 45.16 -25.05 -8.26
CA GLY D 144 46.13 -25.77 -7.47
C GLY D 144 45.87 -27.26 -7.43
N LEU D 145 44.61 -27.64 -7.17
CA LEU D 145 44.26 -29.06 -7.15
C LEU D 145 44.48 -29.70 -8.52
N LEU D 146 44.10 -29.00 -9.59
CA LEU D 146 44.27 -29.56 -10.92
C LEU D 146 45.74 -29.78 -11.25
N LEU D 147 46.59 -28.83 -10.91
CA LEU D 147 48.02 -29.00 -11.16
C LEU D 147 48.59 -30.15 -10.34
N LEU D 148 48.17 -30.27 -9.08
CA LEU D 148 48.67 -31.37 -8.25
C LEU D 148 48.28 -32.72 -8.85
N VAL D 149 47.01 -32.87 -9.25
CA VAL D 149 46.57 -34.14 -9.79
C VAL D 149 47.20 -34.40 -11.15
N TYR D 150 47.46 -33.35 -11.94
CA TYR D 150 48.13 -33.53 -13.21
C TYR D 150 49.56 -34.06 -13.01
N TYR D 151 50.29 -33.48 -12.06
CA TYR D 151 51.63 -33.96 -11.79
C TYR D 151 51.61 -35.39 -11.27
N TRP D 152 50.64 -35.71 -10.40
CA TRP D 152 50.54 -37.09 -9.91
C TRP D 152 50.28 -38.06 -11.05
N SER D 153 49.37 -37.70 -11.96
CA SER D 153 49.09 -38.58 -13.09
C SER D 153 50.29 -38.75 -14.00
N LYS D 154 51.01 -37.66 -14.28
CA LYS D 154 52.17 -37.76 -15.15
C LYS D 154 53.26 -38.63 -14.51
N ASN D 155 53.49 -38.46 -13.20
CA ASN D 155 54.49 -39.28 -12.53
C ASN D 155 54.08 -40.74 -12.48
N ARG D 156 52.81 -41.02 -12.20
CA ARG D 156 52.35 -42.40 -12.13
C ARG D 156 52.44 -43.09 -13.48
N LYS D 157 52.04 -42.41 -14.55
CA LYS D 157 52.05 -43.00 -15.88
C LYS D 157 53.29 -42.58 -16.66
N GLN E 23 10.76 17.32 12.46
CA GLN E 23 10.23 17.68 11.15
C GLN E 23 9.25 18.83 11.27
N SER E 24 9.77 20.04 11.46
CA SER E 24 8.96 21.23 11.67
C SER E 24 9.23 22.24 10.58
N ILE E 25 8.17 22.87 10.07
CA ILE E 25 8.34 23.94 9.09
C ILE E 25 9.12 25.08 9.70
N LYS E 26 8.80 25.45 10.94
CA LYS E 26 9.61 26.42 11.68
C LYS E 26 10.92 25.74 12.07
N GLY E 27 11.97 26.07 11.34
CA GLY E 27 13.24 25.37 11.46
C GLY E 27 13.80 25.02 10.10
N ASN E 28 13.01 25.32 9.06
CA ASN E 28 13.42 25.14 7.67
C ASN E 28 13.63 23.66 7.32
N HIS E 29 12.72 22.81 7.78
CA HIS E 29 12.70 21.40 7.42
C HIS E 29 11.49 21.18 6.52
N LEU E 30 11.73 21.09 5.21
CA LEU E 30 10.66 21.01 4.23
C LEU E 30 10.60 19.72 3.44
N VAL E 31 11.71 18.98 3.34
CA VAL E 31 11.75 17.79 2.50
C VAL E 31 11.19 16.61 3.26
N LYS E 32 10.27 15.88 2.64
CA LYS E 32 9.66 14.70 3.24
C LYS E 32 9.73 13.54 2.25
N VAL E 33 9.69 12.33 2.78
CA VAL E 33 9.75 11.11 1.97
C VAL E 33 8.35 10.50 1.93
N TYR E 34 7.92 10.12 0.74
CA TYR E 34 6.57 9.59 0.49
C TYR E 34 6.77 8.16 -0.01
N ASP E 35 6.64 7.19 0.88
CA ASP E 35 7.10 5.83 0.68
C ASP E 35 5.93 4.86 0.62
N TYR E 36 6.26 3.57 0.50
CA TYR E 36 5.30 2.47 0.54
C TYR E 36 4.25 2.59 -0.57
N GLN E 37 4.72 2.49 -1.81
CA GLN E 37 3.85 2.54 -2.97
C GLN E 37 3.77 1.18 -3.64
N GLU E 38 2.73 1.02 -4.47
CA GLU E 38 2.50 -0.23 -5.17
C GLU E 38 3.57 -0.56 -6.20
N ASP E 39 4.36 0.42 -6.62
CA ASP E 39 5.41 0.21 -7.61
C ASP E 39 6.81 0.19 -7.04
N GLY E 40 6.98 0.52 -5.77
CA GLY E 40 8.28 0.47 -5.12
C GLY E 40 9.14 1.70 -5.26
N SER E 41 8.67 2.73 -5.97
CA SER E 41 9.48 3.94 -6.13
C SER E 41 9.50 4.76 -4.85
N VAL E 42 10.53 5.59 -4.74
CA VAL E 42 10.70 6.50 -3.61
C VAL E 42 10.50 7.92 -4.12
N LEU E 43 9.65 8.68 -3.44
CA LEU E 43 9.29 10.03 -3.85
C LEU E 43 9.61 11.03 -2.76
N LEU E 44 9.95 12.24 -3.18
CA LEU E 44 10.26 13.33 -2.28
C LEU E 44 9.25 14.46 -2.46
N THR E 45 8.86 15.08 -1.35
CA THR E 45 7.85 16.13 -1.34
C THR E 45 8.43 17.37 -0.67
N CYS E 46 8.19 18.53 -1.28
CA CYS E 46 8.66 19.81 -0.77
C CYS E 46 7.48 20.60 -0.18
N ASP E 47 7.72 21.18 0.99
CA ASP E 47 6.66 21.88 1.71
C ASP E 47 6.35 23.23 1.10
N ALA E 48 7.27 23.80 0.32
CA ALA E 48 7.11 25.15 -0.20
C ALA E 48 5.88 25.27 -1.08
N GLU E 49 5.22 26.42 -1.02
CA GLU E 49 4.01 26.68 -1.78
C GLU E 49 4.25 27.30 -3.14
N ALA E 50 5.51 27.57 -3.50
CA ALA E 50 5.80 28.15 -4.81
C ALA E 50 5.46 27.15 -5.92
N LYS E 51 5.10 27.69 -7.08
CA LYS E 51 4.63 26.85 -8.17
C LYS E 51 5.76 25.98 -8.74
N ASN E 52 6.92 26.58 -8.97
CA ASN E 52 8.07 25.84 -9.51
C ASN E 52 9.08 25.61 -8.39
N ILE E 53 9.48 24.36 -8.21
CA ILE E 53 10.40 23.96 -7.15
C ILE E 53 11.64 23.36 -7.80
N THR E 54 12.80 23.88 -7.45
CA THR E 54 14.06 23.34 -7.96
C THR E 54 14.67 22.42 -6.91
N TRP E 55 15.30 21.34 -7.36
CA TRP E 55 15.80 20.29 -6.48
C TRP E 55 17.32 20.20 -6.58
N PHE E 56 17.97 19.99 -5.44
CA PHE E 56 19.42 19.87 -5.37
C PHE E 56 19.79 18.57 -4.66
N LYS E 57 20.82 17.90 -5.18
CA LYS E 57 21.37 16.70 -4.57
C LYS E 57 22.85 16.90 -4.36
N ASP E 58 23.30 16.90 -3.10
CA ASP E 58 24.68 17.18 -2.74
C ASP E 58 25.14 18.54 -3.26
N GLY E 59 24.21 19.47 -3.40
CA GLY E 59 24.54 20.83 -3.80
C GLY E 59 24.23 21.17 -5.24
N LYS E 60 24.54 20.25 -6.16
CA LYS E 60 24.34 20.51 -7.58
C LYS E 60 22.89 20.28 -7.98
N MET E 61 22.38 21.16 -8.84
CA MET E 61 20.98 21.11 -9.24
C MET E 61 20.69 19.86 -10.06
N ILE E 62 19.52 19.27 -9.83
CA ILE E 62 19.13 18.04 -10.52
C ILE E 62 17.85 18.19 -11.32
N GLY E 63 17.17 19.32 -11.26
CA GLY E 63 15.98 19.55 -12.04
C GLY E 63 15.03 20.49 -11.34
N PHE E 64 13.87 20.68 -11.97
CA PHE E 64 12.84 21.56 -11.43
C PHE E 64 11.48 21.05 -11.87
N LEU E 65 10.46 21.43 -11.09
CA LEU E 65 9.09 20.99 -11.30
C LEU E 65 8.16 22.20 -11.29
N THR E 66 7.00 22.02 -11.92
CA THR E 66 5.98 23.04 -12.04
C THR E 66 4.72 22.59 -11.31
N GLU E 67 3.64 23.35 -11.49
CA GLU E 67 2.41 23.11 -10.73
C GLU E 67 1.80 21.75 -11.01
N ASP E 68 2.13 21.11 -12.14
CA ASP E 68 1.52 19.82 -12.46
C ASP E 68 2.10 18.70 -11.61
N LYS E 69 3.41 18.72 -11.38
CA LYS E 69 4.09 17.67 -10.63
C LYS E 69 4.47 18.20 -9.25
N LYS E 70 4.11 17.45 -8.21
CA LYS E 70 4.38 17.85 -6.84
C LYS E 70 5.46 17.01 -6.17
N LYS E 71 5.91 15.93 -6.78
CA LYS E 71 6.83 15.01 -6.15
C LYS E 71 8.00 14.70 -7.08
N TRP E 72 9.16 14.49 -6.49
CA TRP E 72 10.37 14.12 -7.24
C TRP E 72 10.61 12.62 -7.09
N ASN E 73 10.88 11.95 -8.21
CA ASN E 73 11.04 10.51 -8.22
C ASN E 73 12.50 10.13 -8.09
N LEU E 74 12.80 9.26 -7.13
CA LEU E 74 14.15 8.74 -6.91
C LEU E 74 14.32 7.33 -7.46
N GLY E 75 13.34 6.80 -8.16
CA GLY E 75 13.44 5.46 -8.68
C GLY E 75 13.10 4.41 -7.64
N SER E 76 13.29 3.15 -8.03
CA SER E 76 12.96 2.03 -7.17
C SER E 76 13.84 2.02 -5.93
N ASN E 77 13.28 1.50 -4.84
CA ASN E 77 14.02 1.39 -3.59
C ASN E 77 14.94 0.18 -3.55
N ALA E 78 14.85 -0.72 -4.53
CA ALA E 78 15.76 -1.86 -4.59
C ALA E 78 17.17 -1.46 -4.99
N LYS E 79 17.34 -0.25 -5.53
CA LYS E 79 18.65 0.26 -5.90
C LYS E 79 19.31 1.05 -4.78
N ASP E 80 18.71 1.05 -3.59
CA ASP E 80 19.23 1.71 -2.39
C ASP E 80 19.54 3.19 -2.65
N PRO E 81 18.53 4.04 -2.81
CA PRO E 81 18.79 5.47 -3.00
C PRO E 81 19.37 6.09 -1.74
N ARG E 82 20.59 6.62 -1.84
CA ARG E 82 21.25 7.26 -0.72
C ARG E 82 21.78 8.62 -1.17
N GLY E 83 21.74 9.58 -0.25
CA GLY E 83 22.29 10.88 -0.55
C GLY E 83 21.66 11.96 0.31
N MET E 84 21.87 13.21 -0.10
CA MET E 84 21.36 14.38 0.61
C MET E 84 20.60 15.25 -0.37
N TYR E 85 19.37 15.63 -0.01
CA TYR E 85 18.48 16.32 -0.92
C TYR E 85 17.95 17.60 -0.29
N GLN E 86 17.75 18.60 -1.15
CA GLN E 86 17.15 19.88 -0.77
C GLN E 86 16.20 20.34 -1.86
N CYS E 87 15.23 21.16 -1.48
CA CYS E 87 14.29 21.76 -2.41
C CYS E 87 14.18 23.26 -2.13
N LYS E 88 13.93 24.04 -3.18
CA LYS E 88 13.81 25.48 -3.05
C LYS E 88 12.73 25.97 -4.02
N GLY E 89 11.65 26.53 -3.49
CA GLY E 89 10.67 27.12 -4.37
C GLY E 89 10.79 28.62 -4.57
N SER E 90 10.67 29.40 -3.50
CA SER E 90 10.76 30.85 -3.62
C SER E 90 11.80 31.48 -2.70
N GLN E 91 11.74 31.14 -1.42
CA GLN E 91 12.43 31.94 -0.40
C GLN E 91 13.90 31.54 -0.27
N ASN E 92 14.17 30.31 0.14
CA ASN E 92 15.54 29.89 0.42
C ASN E 92 15.61 28.38 0.33
N LYS E 93 16.84 27.85 0.39
CA LYS E 93 17.06 26.42 0.36
C LYS E 93 16.70 25.80 1.71
N SER E 94 15.91 24.75 1.68
CA SER E 94 15.57 24.04 2.90
C SER E 94 16.79 23.26 3.41
N LYS E 95 16.73 22.87 4.68
CA LYS E 95 17.81 22.11 5.27
C LYS E 95 17.92 20.74 4.58
N PRO E 96 19.14 20.21 4.45
CA PRO E 96 19.31 18.94 3.75
C PRO E 96 18.61 17.81 4.49
N LEU E 97 18.08 16.86 3.72
CA LEU E 97 17.57 15.62 4.27
C LEU E 97 18.42 14.49 3.72
N GLN E 98 18.93 13.64 4.62
CA GLN E 98 19.77 12.53 4.24
C GLN E 98 18.93 11.26 4.15
N VAL E 99 18.88 10.67 2.96
CA VAL E 99 18.13 9.45 2.70
C VAL E 99 19.12 8.30 2.61
N TYR E 100 18.80 7.20 3.28
CA TYR E 100 19.62 6.00 3.33
C TYR E 100 18.73 4.78 3.22
N TYR E 101 19.04 3.88 2.29
CA TYR E 101 18.26 2.68 2.06
C TYR E 101 19.17 1.46 2.07
N ARG E 102 18.68 0.37 2.67
CA ARG E 102 19.42 -0.89 2.69
C ARG E 102 18.40 -2.02 2.72
N MET E 103 18.06 -2.56 1.56
CA MET E 103 16.93 -3.46 1.43
C MET E 103 17.29 -4.93 1.23
N CYS E 104 18.57 -5.26 1.02
CA CYS E 104 18.99 -6.63 0.73
C CYS E 104 18.18 -7.25 -0.41
N GLN E 105 18.32 -6.65 -1.59
CA GLN E 105 17.89 -7.33 -2.80
C GLN E 105 18.92 -8.34 -3.28
N ASN E 106 20.09 -8.38 -2.65
CA ASN E 106 21.16 -9.32 -2.99
C ASN E 106 21.64 -10.14 -1.80
N CYS E 107 21.17 -9.87 -0.60
CA CYS E 107 21.60 -10.64 0.56
C CYS E 107 21.12 -12.08 0.46
N ILE E 108 21.98 -13.01 0.90
CA ILE E 108 21.74 -14.44 0.79
C ILE E 108 21.67 -15.04 2.19
N GLU E 109 20.62 -15.81 2.45
CA GLU E 109 20.48 -16.50 3.72
C GLU E 109 21.30 -17.78 3.70
N LEU E 110 22.30 -17.86 4.58
CA LEU E 110 23.22 -19.00 4.62
C LEU E 110 22.63 -20.10 5.51
N ASN E 111 21.61 -20.76 4.97
CA ASN E 111 20.96 -21.87 5.66
C ASN E 111 21.54 -23.19 5.19
N ALA E 112 20.90 -24.29 5.56
CA ALA E 112 21.43 -25.61 5.23
C ALA E 112 21.35 -25.89 3.73
N ALA E 113 20.26 -25.50 3.07
CA ALA E 113 20.08 -25.84 1.67
C ALA E 113 21.13 -25.17 0.80
N THR E 114 21.43 -23.91 1.06
CA THR E 114 22.40 -23.19 0.23
C THR E 114 23.78 -23.82 0.32
N ILE E 115 24.26 -24.08 1.53
CA ILE E 115 25.59 -24.64 1.69
C ILE E 115 25.65 -26.07 1.18
N SER E 116 24.57 -26.84 1.36
CA SER E 116 24.54 -28.21 0.83
C SER E 116 24.64 -28.21 -0.69
N GLY E 117 23.86 -27.34 -1.35
CA GLY E 117 23.94 -27.25 -2.80
C GLY E 117 25.31 -26.78 -3.27
N PHE E 118 25.88 -25.81 -2.57
CA PHE E 118 27.20 -25.32 -2.93
C PHE E 118 28.25 -26.42 -2.84
N LEU E 119 28.23 -27.18 -1.75
CA LEU E 119 29.20 -28.26 -1.58
C LEU E 119 29.01 -29.34 -2.65
N PHE E 120 27.75 -29.70 -2.93
CA PHE E 120 27.49 -30.71 -3.95
C PHE E 120 28.02 -30.28 -5.30
N ALA E 121 27.70 -29.04 -5.71
CA ALA E 121 28.19 -28.54 -7.00
C ALA E 121 29.71 -28.50 -7.03
N GLU E 122 30.33 -28.04 -5.95
CA GLU E 122 31.79 -27.95 -5.92
C GLU E 122 32.43 -29.32 -6.08
N ILE E 123 31.97 -30.31 -5.32
CA ILE E 123 32.62 -31.61 -5.39
C ILE E 123 32.39 -32.26 -6.75
N VAL E 124 31.19 -32.12 -7.31
CA VAL E 124 30.92 -32.74 -8.62
C VAL E 124 31.80 -32.09 -9.70
N SER E 125 31.88 -30.76 -9.70
CA SER E 125 32.67 -30.07 -10.72
C SER E 125 34.14 -30.40 -10.57
N ILE E 126 34.64 -30.43 -9.32
CA ILE E 126 36.05 -30.76 -9.10
C ILE E 126 36.35 -32.18 -9.57
N PHE E 127 35.45 -33.13 -9.29
CA PHE E 127 35.69 -34.50 -9.75
C PHE E 127 35.72 -34.58 -11.27
N VAL E 128 34.79 -33.90 -11.95
CA VAL E 128 34.74 -33.96 -13.41
C VAL E 128 36.02 -33.36 -14.00
N LEU E 129 36.42 -32.19 -13.49
CA LEU E 129 37.63 -31.56 -14.00
C LEU E 129 38.87 -32.41 -13.70
N ALA E 130 38.88 -33.06 -12.53
CA ALA E 130 40.01 -33.90 -12.16
C ALA E 130 40.13 -35.09 -13.11
N VAL E 131 39.01 -35.72 -13.46
CA VAL E 131 39.06 -36.81 -14.45
C VAL E 131 39.57 -36.29 -15.78
N GLY E 132 39.04 -35.15 -16.22
CA GLY E 132 39.44 -34.61 -17.51
C GLY E 132 40.93 -34.32 -17.58
N VAL E 133 41.48 -33.71 -16.53
CA VAL E 133 42.91 -33.39 -16.54
C VAL E 133 43.75 -34.63 -16.28
N TYR E 134 43.20 -35.64 -15.60
CA TYR E 134 43.90 -36.90 -15.45
C TYR E 134 44.14 -37.57 -16.79
N PHE E 135 43.10 -37.62 -17.63
CA PHE E 135 43.23 -38.37 -18.87
C PHE E 135 44.24 -37.72 -19.82
N ILE E 136 44.24 -36.39 -19.91
CA ILE E 136 45.08 -35.69 -20.88
C ILE E 136 46.50 -35.55 -20.36
N ALA E 137 46.79 -36.13 -19.19
CA ALA E 137 48.12 -36.05 -18.63
C ALA E 137 49.07 -36.96 -19.38
N GLY E 138 50.21 -36.42 -19.79
CA GLY E 138 51.21 -37.18 -20.51
C GLY E 138 50.77 -37.56 -21.91
N GLN F 34 -17.57 0.97 -33.30
CA GLN F 34 -16.82 1.97 -32.55
C GLN F 34 -15.34 1.88 -32.85
N THR F 35 -14.72 3.03 -33.14
CA THR F 35 -13.29 3.08 -33.44
C THR F 35 -12.54 3.55 -32.21
N PRO F 36 -11.68 2.71 -31.62
CA PRO F 36 -11.08 3.05 -30.33
C PRO F 36 -9.93 4.03 -30.46
N TYR F 37 -9.48 4.52 -29.31
CA TYR F 37 -8.27 5.32 -29.23
C TYR F 37 -7.04 4.47 -29.54
N LYS F 38 -6.02 5.10 -30.09
CA LYS F 38 -4.73 4.46 -30.31
C LYS F 38 -3.75 4.98 -29.26
N VAL F 39 -3.20 4.05 -28.47
CA VAL F 39 -2.26 4.39 -27.41
C VAL F 39 -0.95 3.70 -27.70
N SER F 40 0.13 4.48 -27.77
CA SER F 40 1.46 3.95 -28.03
C SER F 40 2.40 4.38 -26.91
N ILE F 41 3.11 3.43 -26.32
CA ILE F 41 4.00 3.70 -25.20
C ILE F 41 5.40 3.26 -25.60
N SER F 42 6.36 4.18 -25.47
CA SER F 42 7.76 3.91 -25.78
C SER F 42 8.62 4.59 -24.73
N GLY F 43 9.33 3.78 -23.93
CA GLY F 43 10.14 4.34 -22.85
C GLY F 43 9.27 5.02 -21.82
N THR F 44 9.33 6.35 -21.78
CA THR F 44 8.46 7.16 -20.93
C THR F 44 7.66 8.16 -21.74
N THR F 45 7.33 7.81 -22.98
CA THR F 45 6.57 8.67 -23.87
C THR F 45 5.29 7.96 -24.29
N VAL F 46 4.16 8.63 -24.13
CA VAL F 46 2.84 8.07 -24.45
C VAL F 46 2.18 8.95 -25.50
N ILE F 47 1.74 8.35 -26.59
CA ILE F 47 1.07 9.05 -27.67
C ILE F 47 -0.36 8.52 -27.76
N LEU F 48 -1.33 9.43 -27.74
CA LEU F 48 -2.74 9.08 -27.89
C LEU F 48 -3.27 9.70 -29.16
N THR F 49 -4.08 8.94 -29.90
CA THR F 49 -4.63 9.38 -31.17
C THR F 49 -6.15 9.47 -31.08
N CYS F 50 -6.70 10.53 -31.66
CA CYS F 50 -8.14 10.78 -31.59
C CYS F 50 -8.79 10.24 -32.85
N PRO F 51 -9.55 9.14 -32.77
CA PRO F 51 -9.99 8.45 -33.98
C PRO F 51 -11.14 9.10 -34.76
N GLN F 52 -12.18 9.56 -34.07
CA GLN F 52 -13.46 9.79 -34.73
C GLN F 52 -13.61 11.20 -35.32
N TYR F 53 -12.53 11.98 -35.39
CA TYR F 53 -12.58 13.33 -35.97
C TYR F 53 -11.42 13.49 -36.95
N PRO F 54 -11.56 12.93 -38.17
CA PRO F 54 -10.45 12.96 -39.12
C PRO F 54 -10.22 14.32 -39.76
N GLY F 55 -11.27 15.12 -39.91
CA GLY F 55 -11.18 16.33 -40.70
C GLY F 55 -11.53 17.61 -39.99
N SER F 56 -11.13 17.75 -38.73
CA SER F 56 -11.37 18.98 -37.99
C SER F 56 -10.35 19.09 -36.87
N GLU F 57 -10.16 20.31 -36.40
CA GLU F 57 -9.26 20.54 -35.28
C GLU F 57 -9.88 20.00 -34.00
N ILE F 58 -9.04 19.48 -33.11
CA ILE F 58 -9.49 18.80 -31.91
C ILE F 58 -8.80 19.40 -30.70
N LEU F 59 -9.41 19.19 -29.53
CA LEU F 59 -8.84 19.58 -28.25
C LEU F 59 -8.94 18.40 -27.29
N TRP F 60 -7.98 18.32 -26.39
CA TRP F 60 -7.88 17.23 -25.44
C TRP F 60 -8.09 17.74 -24.02
N GLN F 61 -8.75 16.95 -23.20
CA GLN F 61 -9.02 17.32 -21.83
C GLN F 61 -8.81 16.12 -20.92
N HIS F 62 -8.13 16.36 -19.79
CA HIS F 62 -7.76 15.31 -18.85
C HIS F 62 -8.26 15.68 -17.46
N ASN F 63 -9.19 14.87 -16.93
CA ASN F 63 -9.75 15.07 -15.59
C ASN F 63 -10.32 16.48 -15.45
N ASP F 64 -11.08 16.90 -16.46
CA ASP F 64 -11.75 18.20 -16.47
C ASP F 64 -10.74 19.35 -16.33
N LYS F 65 -9.80 19.37 -17.27
CA LYS F 65 -8.80 20.43 -17.34
C LYS F 65 -8.15 20.38 -18.71
N ASN F 66 -8.14 21.51 -19.42
CA ASN F 66 -7.58 21.54 -20.76
C ASN F 66 -6.09 21.19 -20.74
N ILE F 67 -5.67 20.34 -21.67
CA ILE F 67 -4.30 19.89 -21.76
C ILE F 67 -3.83 20.01 -23.20
N GLY F 68 -2.53 20.24 -23.36
CA GLY F 68 -1.93 20.33 -24.68
C GLY F 68 -2.36 21.56 -25.48
N GLY F 69 -1.59 21.88 -26.52
CA GLY F 69 -1.93 22.99 -27.39
C GLY F 69 -1.64 24.37 -26.84
N ASP F 70 -0.88 24.47 -25.76
CA ASP F 70 -0.55 25.76 -25.16
C ASP F 70 0.73 26.37 -25.72
N GLU F 71 1.38 25.71 -26.67
CA GLU F 71 2.66 26.11 -27.24
C GLU F 71 3.77 26.19 -26.20
N ASP F 72 3.54 25.67 -25.00
CA ASP F 72 4.53 25.61 -23.95
C ASP F 72 4.43 24.23 -23.30
N ASP F 73 5.08 24.07 -22.14
CA ASP F 73 5.09 22.82 -21.40
C ASP F 73 5.64 21.69 -22.28
N LYS F 74 6.94 21.82 -22.56
CA LYS F 74 7.70 20.96 -23.47
C LYS F 74 7.32 19.50 -23.39
N ASN F 75 7.06 19.00 -22.17
CA ASN F 75 6.73 17.59 -22.00
C ASN F 75 5.38 17.21 -22.57
N ILE F 76 4.54 18.17 -22.95
CA ILE F 76 3.21 17.90 -23.48
C ILE F 76 3.08 18.62 -24.82
N GLY F 77 2.62 17.90 -25.83
CA GLY F 77 2.45 18.47 -27.16
C GLY F 77 1.19 17.97 -27.82
N SER F 78 0.66 18.79 -28.74
CA SER F 78 -0.55 18.46 -29.49
C SER F 78 -0.32 18.88 -30.94
N ASP F 79 0.18 17.95 -31.74
CA ASP F 79 0.41 18.18 -33.16
C ASP F 79 -0.56 17.35 -33.98
N GLU F 80 -1.07 17.95 -35.06
CA GLU F 80 -2.03 17.29 -35.95
C GLU F 80 -3.26 16.85 -35.18
N ASP F 81 -3.39 15.55 -34.92
CA ASP F 81 -4.52 15.02 -34.16
C ASP F 81 -4.06 13.96 -33.17
N HIS F 82 -2.97 14.24 -32.47
CA HIS F 82 -2.47 13.30 -31.46
C HIS F 82 -1.84 14.09 -30.32
N LEU F 83 -1.96 13.54 -29.12
CA LEU F 83 -1.41 14.14 -27.91
C LEU F 83 -0.21 13.34 -27.47
N SER F 84 0.93 14.01 -27.31
CA SER F 84 2.18 13.39 -26.91
C SER F 84 2.54 13.83 -25.51
N LEU F 85 2.81 12.85 -24.64
CA LEU F 85 3.10 13.08 -23.23
C LEU F 85 4.47 12.49 -22.94
N LYS F 86 5.44 13.35 -22.65
CA LYS F 86 6.80 12.92 -22.35
C LYS F 86 7.04 12.95 -20.85
N GLU F 87 7.94 12.08 -20.40
CA GLU F 87 8.21 11.88 -18.97
C GLU F 87 6.91 11.60 -18.22
N PHE F 88 6.14 10.66 -18.75
CA PHE F 88 4.85 10.30 -18.18
C PHE F 88 5.02 9.86 -16.73
N SER F 89 4.17 10.38 -15.86
CA SER F 89 4.18 10.02 -14.44
C SER F 89 2.89 9.28 -14.13
N GLU F 90 3.01 8.05 -13.65
CA GLU F 90 1.83 7.23 -13.40
C GLU F 90 0.95 7.83 -12.32
N LEU F 91 1.57 8.39 -11.27
CA LEU F 91 0.81 8.88 -10.14
C LEU F 91 -0.07 10.07 -10.50
N GLU F 92 0.43 10.97 -11.35
CA GLU F 92 -0.26 12.22 -11.64
C GLU F 92 -0.97 12.26 -12.98
N GLN F 93 -0.48 11.54 -13.99
CA GLN F 93 -1.00 11.66 -15.35
C GLN F 93 -1.93 10.52 -15.74
N SER F 94 -2.35 9.69 -14.79
CA SER F 94 -3.30 8.62 -15.06
C SER F 94 -4.71 9.09 -14.78
N GLY F 95 -5.65 8.65 -15.61
CA GLY F 95 -7.03 9.03 -15.40
C GLY F 95 -7.78 9.11 -16.71
N TYR F 96 -8.77 10.00 -16.74
CA TYR F 96 -9.66 10.15 -17.89
C TYR F 96 -9.05 11.07 -18.93
N TYR F 97 -9.29 10.75 -20.20
CA TYR F 97 -8.91 11.59 -21.31
C TYR F 97 -10.08 11.66 -22.29
N VAL F 98 -10.30 12.84 -22.87
CA VAL F 98 -11.38 13.02 -23.82
C VAL F 98 -10.91 13.94 -24.94
N CYS F 99 -11.42 13.67 -26.14
CA CYS F 99 -11.12 14.42 -27.34
C CYS F 99 -12.41 15.01 -27.90
N TYR F 100 -12.42 16.32 -28.13
CA TYR F 100 -13.64 16.94 -28.64
C TYR F 100 -13.28 17.98 -29.70
N PRO F 101 -14.13 18.17 -30.70
CA PRO F 101 -13.85 19.18 -31.73
C PRO F 101 -13.88 20.58 -31.15
N ARG F 102 -13.09 21.46 -31.77
CA ARG F 102 -13.04 22.86 -31.34
C ARG F 102 -14.35 23.54 -31.64
N GLY F 103 -14.78 24.41 -30.72
CA GLY F 103 -16.05 25.11 -30.83
C GLY F 103 -17.22 24.40 -30.21
N SER F 104 -17.04 23.17 -29.72
CA SER F 104 -18.09 22.42 -29.07
C SER F 104 -17.82 22.36 -27.57
N LYS F 105 -18.87 22.57 -26.78
CA LYS F 105 -18.74 22.53 -25.33
C LYS F 105 -18.28 21.14 -24.88
N PRO F 106 -17.26 21.04 -24.02
CA PRO F 106 -16.62 19.75 -23.72
C PRO F 106 -17.37 18.90 -22.68
N GLU F 107 -18.68 18.82 -22.83
CA GLU F 107 -19.50 17.86 -22.12
C GLU F 107 -20.44 17.10 -23.03
N ASP F 108 -20.70 17.62 -24.24
CA ASP F 108 -21.42 16.86 -25.26
C ASP F 108 -20.66 15.60 -25.66
N ALA F 109 -19.35 15.57 -25.46
CA ALA F 109 -18.56 14.39 -25.78
C ALA F 109 -19.01 13.20 -24.95
N ASN F 110 -19.07 12.04 -25.59
CA ASN F 110 -19.59 10.83 -24.96
C ASN F 110 -18.70 9.63 -25.26
N PHE F 111 -17.38 9.83 -25.22
CA PHE F 111 -16.45 8.72 -25.42
C PHE F 111 -15.14 9.10 -24.73
N TYR F 112 -14.90 8.51 -23.57
CA TYR F 112 -13.72 8.79 -22.75
C TYR F 112 -12.77 7.60 -22.79
N LEU F 113 -11.53 7.87 -22.39
CA LEU F 113 -10.50 6.85 -22.28
C LEU F 113 -9.94 6.86 -20.87
N TYR F 114 -9.99 5.72 -20.19
CA TYR F 114 -9.41 5.60 -18.86
C TYR F 114 -8.04 4.95 -19.00
N LEU F 115 -7.00 5.74 -18.79
CA LEU F 115 -5.62 5.30 -19.00
C LEU F 115 -4.91 5.19 -17.66
N ARG F 116 -4.28 4.03 -17.44
CA ARG F 116 -3.36 3.84 -16.32
C ARG F 116 -2.17 3.04 -16.84
N ALA F 117 -1.01 3.69 -16.94
CA ALA F 117 0.16 3.06 -17.52
C ALA F 117 1.34 3.19 -16.56
N ARG F 118 2.09 2.11 -16.43
CA ARG F 118 3.31 2.08 -15.63
C ARG F 118 4.49 2.15 -16.60
N VAL F 119 5.09 3.31 -16.71
CA VAL F 119 6.19 3.54 -17.64
C VAL F 119 7.51 3.42 -16.88
N CYS F 120 8.59 3.27 -17.64
CA CYS F 120 9.90 2.99 -17.09
C CYS F 120 10.95 3.41 -18.10
N GLU F 121 12.08 3.93 -17.61
CA GLU F 121 13.16 4.32 -18.50
C GLU F 121 13.93 3.09 -18.94
N ASN F 122 14.15 2.97 -20.25
CA ASN F 122 14.83 1.84 -20.87
C ASN F 122 14.09 0.52 -20.68
N CYS F 123 12.86 0.56 -20.19
CA CYS F 123 12.09 -0.66 -19.91
C CYS F 123 11.26 -1.01 -21.14
N MET F 124 11.57 -2.14 -21.76
CA MET F 124 10.86 -2.62 -22.94
C MET F 124 10.16 -3.92 -22.61
N GLU F 125 8.99 -4.13 -23.20
CA GLU F 125 8.16 -5.28 -22.90
C GLU F 125 8.37 -6.38 -23.94
N MET F 126 8.42 -7.62 -23.46
CA MET F 126 8.59 -8.78 -24.33
C MET F 126 7.96 -9.99 -23.67
N ASP F 127 7.33 -10.84 -24.48
CA ASP F 127 6.64 -12.01 -23.98
C ASP F 127 7.54 -13.24 -24.04
N VAL F 128 7.05 -14.35 -23.46
CA VAL F 128 7.86 -15.55 -23.36
C VAL F 128 8.12 -16.16 -24.72
N MET F 129 7.23 -15.96 -25.68
CA MET F 129 7.44 -16.52 -27.01
C MET F 129 8.67 -15.92 -27.68
N SER F 130 8.89 -14.61 -27.49
CA SER F 130 10.06 -13.97 -28.06
C SER F 130 11.35 -14.54 -27.48
N VAL F 131 11.39 -14.74 -26.16
CA VAL F 131 12.58 -15.31 -25.54
C VAL F 131 12.80 -16.74 -26.01
N ALA F 132 11.73 -17.53 -26.08
CA ALA F 132 11.87 -18.91 -26.55
C ALA F 132 12.40 -18.97 -27.97
N THR F 133 11.85 -18.12 -28.86
CA THR F 133 12.29 -18.16 -30.25
C THR F 133 13.71 -17.64 -30.40
N ILE F 134 14.12 -16.65 -29.61
CA ILE F 134 15.49 -16.15 -29.75
C ILE F 134 16.48 -17.21 -29.26
N VAL F 135 16.15 -17.91 -28.17
CA VAL F 135 17.03 -18.98 -27.70
C VAL F 135 17.11 -20.09 -28.75
N ILE F 136 15.96 -20.46 -29.32
CA ILE F 136 15.94 -21.55 -30.29
C ILE F 136 16.76 -21.20 -31.53
N VAL F 137 16.59 -19.97 -32.04
CA VAL F 137 17.33 -19.60 -33.25
C VAL F 137 18.82 -19.47 -32.94
N ASP F 138 19.19 -19.04 -31.73
CA ASP F 138 20.60 -19.01 -31.37
C ASP F 138 21.20 -20.40 -31.38
N ILE F 139 20.49 -21.37 -30.79
CA ILE F 139 20.99 -22.74 -30.78
C ILE F 139 21.11 -23.27 -32.21
N CYS F 140 20.10 -23.00 -33.04
CA CYS F 140 20.11 -23.51 -34.41
C CYS F 140 21.26 -22.92 -35.22
N ILE F 141 21.50 -21.60 -35.09
CA ILE F 141 22.57 -20.99 -35.87
C ILE F 141 23.93 -21.47 -35.38
N THR F 142 24.09 -21.67 -34.07
CA THR F 142 25.35 -22.23 -33.57
C THR F 142 25.59 -23.62 -34.12
N GLY F 143 24.55 -24.47 -34.12
CA GLY F 143 24.71 -25.81 -34.66
C GLY F 143 25.04 -25.81 -36.14
N GLY F 144 24.36 -24.96 -36.91
CA GLY F 144 24.65 -24.88 -38.33
C GLY F 144 26.06 -24.41 -38.62
N LEU F 145 26.52 -23.39 -37.89
CA LEU F 145 27.89 -22.93 -38.07
C LEU F 145 28.90 -24.01 -37.71
N LEU F 146 28.64 -24.75 -36.63
CA LEU F 146 29.55 -25.84 -36.26
C LEU F 146 29.62 -26.90 -37.35
N LEU F 147 28.46 -27.29 -37.89
CA LEU F 147 28.45 -28.30 -38.94
C LEU F 147 29.20 -27.81 -40.19
N LEU F 148 28.98 -26.55 -40.56
CA LEU F 148 29.66 -26.00 -41.74
C LEU F 148 31.18 -25.98 -41.53
N VAL F 149 31.63 -25.54 -40.36
CA VAL F 149 33.07 -25.49 -40.10
C VAL F 149 33.67 -26.89 -40.10
N TYR F 150 32.95 -27.85 -39.51
CA TYR F 150 33.47 -29.22 -39.48
C TYR F 150 33.60 -29.79 -40.88
N TYR F 151 32.58 -29.58 -41.72
CA TYR F 151 32.67 -30.07 -43.10
C TYR F 151 33.77 -29.37 -43.88
N TRP F 152 33.98 -28.07 -43.65
CA TRP F 152 35.05 -27.37 -44.34
C TRP F 152 36.43 -27.86 -43.90
N SER F 153 36.60 -28.18 -42.61
CA SER F 153 37.90 -28.55 -42.09
C SER F 153 38.21 -30.04 -42.23
N LYS F 154 37.19 -30.88 -42.49
CA LYS F 154 37.44 -32.31 -42.55
C LYS F 154 38.25 -32.68 -43.79
N ASN F 155 37.90 -32.14 -44.95
CA ASN F 155 38.54 -32.57 -46.19
C ASN F 155 40.00 -32.15 -46.24
N ARG F 156 40.30 -30.92 -45.85
CA ARG F 156 41.68 -30.43 -45.88
C ARG F 156 42.45 -30.87 -44.64
N GLN G 22 -45.98 25.87 23.54
CA GLN G 22 -44.87 25.69 22.63
C GLN G 22 -43.92 24.60 23.13
N LYS G 23 -44.19 23.35 22.74
CA LYS G 23 -43.28 22.27 23.10
C LYS G 23 -43.34 21.19 22.03
N ILE G 24 -42.25 20.41 21.98
CA ILE G 24 -42.09 19.33 21.02
C ILE G 24 -41.67 18.08 21.78
N THR G 25 -42.31 16.95 21.46
CA THR G 25 -41.94 15.67 22.07
C THR G 25 -41.90 14.59 20.99
N GLN G 26 -40.95 13.67 21.15
CA GLN G 26 -40.80 12.51 20.29
C GLN G 26 -41.05 11.26 21.12
N THR G 27 -42.04 10.46 20.72
CA THR G 27 -42.53 9.40 21.59
C THR G 27 -41.49 8.32 21.81
N GLN G 28 -40.90 7.79 20.73
CA GLN G 28 -40.10 6.58 20.82
C GLN G 28 -38.61 6.90 20.71
N PRO G 29 -37.82 6.69 21.77
CA PRO G 29 -36.36 6.81 21.65
C PRO G 29 -35.76 5.51 21.14
N GLY G 30 -35.12 5.57 19.97
CA GLY G 30 -34.47 4.40 19.42
C GLY G 30 -35.36 3.57 18.50
N MET G 31 -34.95 3.43 17.24
CA MET G 31 -35.71 2.66 16.27
C MET G 31 -34.76 1.80 15.45
N PHE G 32 -35.28 0.69 14.95
CA PHE G 32 -34.53 -0.23 14.11
C PHE G 32 -35.29 -0.45 12.80
N VAL G 33 -34.55 -0.56 11.71
CA VAL G 33 -35.16 -0.79 10.40
C VAL G 33 -34.21 -1.60 9.55
N GLN G 34 -34.76 -2.52 8.76
CA GLN G 34 -33.96 -3.29 7.83
C GLN G 34 -33.60 -2.42 6.61
N GLU G 35 -32.59 -2.86 5.87
CA GLU G 35 -32.14 -2.11 4.71
C GLU G 35 -33.19 -2.18 3.61
N LYS G 36 -33.17 -1.17 2.73
CA LYS G 36 -34.10 -1.06 1.61
C LYS G 36 -35.55 -1.07 2.07
N GLU G 37 -35.82 -0.35 3.16
CA GLU G 37 -37.16 -0.19 3.70
C GLU G 37 -37.47 1.29 3.90
N ALA G 38 -38.69 1.57 4.33
CA ALA G 38 -39.13 2.92 4.64
C ALA G 38 -39.42 3.01 6.13
N VAL G 39 -38.89 4.05 6.78
CA VAL G 39 -38.99 4.21 8.23
C VAL G 39 -39.58 5.58 8.52
N THR G 40 -40.49 5.62 9.51
CA THR G 40 -41.17 6.84 9.90
C THR G 40 -40.81 7.17 11.35
N LEU G 41 -40.32 8.38 11.56
CA LEU G 41 -40.01 8.90 12.89
C LEU G 41 -41.01 9.99 13.23
N ASP G 42 -41.61 9.91 14.42
CA ASP G 42 -42.74 10.75 14.79
C ASP G 42 -42.30 11.93 15.63
N CYS G 43 -43.06 13.02 15.52
CA CYS G 43 -42.80 14.26 16.24
C CYS G 43 -44.13 14.94 16.51
N THR G 44 -44.52 15.05 17.78
CA THR G 44 -45.76 15.70 18.16
C THR G 44 -45.46 17.04 18.83
N TYR G 45 -46.13 18.08 18.36
CA TYR G 45 -45.85 19.45 18.78
C TYR G 45 -47.13 20.13 19.23
N ASP G 46 -46.96 21.17 20.04
CA ASP G 46 -48.07 22.08 20.35
C ASP G 46 -47.53 23.51 20.46
N THR G 47 -48.39 24.47 20.10
CA THR G 47 -48.00 25.86 20.08
C THR G 47 -49.26 26.72 20.16
N SER G 48 -49.05 28.00 20.47
CA SER G 48 -50.13 28.97 20.53
C SER G 48 -50.19 29.91 19.34
N ASP G 49 -49.03 30.29 18.79
CA ASP G 49 -49.02 31.18 17.64
C ASP G 49 -49.57 30.45 16.41
N PRO G 50 -50.21 31.18 15.49
CA PRO G 50 -50.79 30.53 14.31
C PRO G 50 -49.80 30.37 13.17
N SER G 51 -48.70 31.11 13.22
CA SER G 51 -47.67 31.06 12.18
C SER G 51 -46.39 30.47 12.76
N TYR G 52 -45.88 29.43 12.12
CA TYR G 52 -44.68 28.73 12.57
C TYR G 52 -44.21 27.82 11.44
N GLY G 53 -43.24 26.98 11.73
CA GLY G 53 -42.73 26.01 10.76
C GLY G 53 -42.02 24.89 11.46
N LEU G 54 -41.94 23.75 10.78
CA LEU G 54 -41.31 22.55 11.32
C LEU G 54 -40.11 22.19 10.46
N PHE G 55 -39.09 21.60 11.08
CA PHE G 55 -37.95 21.15 10.31
C PHE G 55 -37.20 20.06 11.08
N TRP G 56 -36.34 19.35 10.37
CA TRP G 56 -35.63 18.20 10.91
C TRP G 56 -34.12 18.32 10.66
N TYR G 57 -33.35 17.77 11.60
CA TYR G 57 -31.90 17.70 11.48
C TYR G 57 -31.44 16.26 11.72
N LYS G 58 -30.29 15.93 11.15
CA LYS G 58 -29.66 14.63 11.32
C LYS G 58 -28.24 14.82 11.85
N GLN G 59 -27.90 14.09 12.90
CA GLN G 59 -26.57 14.16 13.51
C GLN G 59 -25.92 12.79 13.47
N PRO G 60 -24.95 12.56 12.60
CA PRO G 60 -24.27 11.26 12.57
C PRO G 60 -23.30 11.09 13.72
N SER G 61 -22.54 10.00 13.71
CA SER G 61 -21.59 9.72 14.79
C SER G 61 -20.51 10.79 14.91
N SER G 62 -20.20 11.49 13.82
CA SER G 62 -19.13 12.48 13.87
C SER G 62 -19.47 13.62 14.83
N GLY G 63 -20.69 14.12 14.78
CA GLY G 63 -21.12 15.16 15.70
C GLY G 63 -21.87 16.31 15.08
N GLU G 64 -21.75 16.48 13.76
CA GLU G 64 -22.34 17.62 13.10
C GLU G 64 -23.85 17.48 13.01
N MET G 65 -24.54 18.61 12.91
CA MET G 65 -25.97 18.63 12.63
C MET G 65 -26.19 19.03 11.19
N ILE G 66 -27.00 18.25 10.48
CA ILE G 66 -27.25 18.45 9.05
C ILE G 66 -28.73 18.72 8.87
N PHE G 67 -29.05 19.85 8.23
CA PHE G 67 -30.44 20.19 7.97
C PHE G 67 -31.00 19.28 6.89
N LEU G 68 -32.19 18.72 7.13
CA LEU G 68 -32.78 17.73 6.24
C LEU G 68 -33.99 18.26 5.48
N ILE G 69 -35.02 18.71 6.19
CA ILE G 69 -36.29 19.05 5.55
C ILE G 69 -36.96 20.16 6.36
N TYR G 70 -37.73 20.99 5.66
CA TYR G 70 -38.47 22.10 6.23
C TYR G 70 -39.87 22.12 5.66
N GLN G 71 -40.82 22.62 6.45
CA GLN G 71 -42.18 22.80 5.98
C GLN G 71 -42.87 23.89 6.80
N GLY G 72 -43.45 24.86 6.10
CA GLY G 72 -44.14 25.96 6.75
C GLY G 72 -45.55 25.58 7.17
N SER G 73 -46.25 26.59 7.72
CA SER G 73 -47.60 26.39 8.21
C SER G 73 -48.68 26.78 7.20
N TYR G 74 -48.38 27.70 6.29
CA TYR G 74 -49.36 28.24 5.36
C TYR G 74 -49.14 27.75 3.93
N ASP G 75 -48.60 26.54 3.78
CA ASP G 75 -48.33 25.98 2.45
C ASP G 75 -48.67 24.50 2.44
N GLN G 76 -49.35 24.07 1.38
CA GLN G 76 -49.61 22.66 1.14
C GLN G 76 -48.47 22.08 0.31
N GLN G 77 -48.67 20.89 -0.26
CA GLN G 77 -47.70 20.25 -1.13
C GLN G 77 -46.39 19.99 -0.38
N ASN G 78 -46.47 19.05 0.57
CA ASN G 78 -45.34 18.67 1.41
C ASN G 78 -44.03 18.65 0.64
N ALA G 79 -42.99 19.20 1.25
CA ALA G 79 -41.67 19.21 0.64
C ALA G 79 -41.12 17.79 0.56
N THR G 80 -40.27 17.57 -0.44
CA THR G 80 -39.68 16.25 -0.68
C THR G 80 -38.31 16.44 -1.31
N GLU G 81 -37.29 15.87 -0.68
CA GLU G 81 -35.92 15.93 -1.19
C GLU G 81 -35.35 14.53 -1.20
N GLY G 82 -35.15 13.98 -2.40
CA GLY G 82 -34.58 12.67 -2.57
C GLY G 82 -35.38 11.57 -1.87
N ARG G 83 -34.81 10.99 -0.82
CA ARG G 83 -35.44 9.91 -0.08
C ARG G 83 -36.20 10.39 1.15
N TYR G 84 -36.28 11.70 1.37
CA TYR G 84 -36.94 12.26 2.53
C TYR G 84 -38.31 12.80 2.16
N SER G 85 -39.26 12.65 3.09
CA SER G 85 -40.57 13.25 2.94
C SER G 85 -41.11 13.57 4.33
N LEU G 86 -42.08 14.46 4.39
CA LEU G 86 -42.65 14.90 5.65
C LEU G 86 -44.16 14.72 5.61
N ASN G 87 -44.68 13.87 6.49
CA ASN G 87 -46.11 13.68 6.66
C ASN G 87 -46.60 14.68 7.70
N PHE G 88 -47.41 15.64 7.27
CA PHE G 88 -47.85 16.73 8.13
C PHE G 88 -49.35 16.65 8.34
N GLN G 89 -49.78 16.70 9.60
CA GLN G 89 -51.19 16.71 9.97
C GLN G 89 -51.40 17.85 10.95
N LYS G 90 -51.91 18.97 10.43
CA LYS G 90 -52.15 20.14 11.29
C LYS G 90 -53.28 19.86 12.29
N ALA G 91 -54.32 19.16 11.86
CA ALA G 91 -55.45 18.88 12.75
C ALA G 91 -55.01 18.06 13.96
N ARG G 92 -54.19 17.03 13.73
CA ARG G 92 -53.64 16.23 14.81
C ARG G 92 -52.33 16.77 15.35
N LYS G 93 -51.77 17.81 14.71
CA LYS G 93 -50.51 18.42 15.13
C LYS G 93 -49.40 17.38 15.20
N SER G 94 -49.10 16.78 14.05
CA SER G 94 -48.08 15.73 13.97
C SER G 94 -47.30 15.90 12.69
N ALA G 95 -46.00 16.13 12.81
CA ALA G 95 -45.08 16.17 11.67
C ALA G 95 -44.13 15.00 11.80
N ASN G 96 -44.17 14.10 10.82
CA ASN G 96 -43.38 12.88 10.85
C ASN G 96 -42.42 12.86 9.68
N LEU G 97 -41.21 12.37 9.91
CA LEU G 97 -40.23 12.22 8.85
C LEU G 97 -40.27 10.80 8.31
N VAL G 98 -40.39 10.67 6.99
CA VAL G 98 -40.45 9.37 6.34
C VAL G 98 -39.25 9.26 5.40
N ILE G 99 -38.48 8.19 5.57
CA ILE G 99 -37.31 7.91 4.74
C ILE G 99 -37.59 6.65 3.94
N SER G 100 -37.42 6.74 2.63
CA SER G 100 -37.70 5.65 1.71
C SER G 100 -36.40 5.07 1.17
N ALA G 101 -36.37 3.75 1.02
CA ALA G 101 -35.18 3.04 0.56
C ALA G 101 -33.97 3.36 1.43
N SER G 102 -34.09 3.00 2.70
CA SER G 102 -33.05 3.31 3.67
C SER G 102 -31.75 2.60 3.32
N GLN G 103 -30.63 3.29 3.56
CA GLN G 103 -29.30 2.76 3.34
C GLN G 103 -28.59 2.57 4.67
N LEU G 104 -27.33 2.15 4.60
CA LEU G 104 -26.54 1.97 5.82
C LEU G 104 -26.04 3.28 6.39
N GLY G 105 -26.10 4.38 5.64
CA GLY G 105 -25.66 5.66 6.14
C GLY G 105 -26.68 6.43 6.94
N ASP G 106 -27.88 5.87 7.13
CA ASP G 106 -28.95 6.55 7.85
C ASP G 106 -28.87 6.37 9.36
N SER G 107 -27.91 5.61 9.86
CA SER G 107 -27.76 5.40 11.30
C SER G 107 -27.23 6.68 11.94
N ALA G 108 -28.11 7.45 12.55
CA ALA G 108 -27.75 8.71 13.17
C ALA G 108 -28.79 9.06 14.21
N MET G 109 -28.73 10.29 14.73
CA MET G 109 -29.71 10.82 15.67
C MET G 109 -30.52 11.90 14.98
N TYR G 110 -31.84 11.79 15.02
CA TYR G 110 -32.71 12.70 14.29
C TYR G 110 -33.42 13.63 15.26
N PHE G 111 -33.34 14.93 14.99
CA PHE G 111 -33.92 15.96 15.85
C PHE G 111 -35.03 16.69 15.10
N CYS G 112 -36.10 17.01 15.82
CA CYS G 112 -37.26 17.70 15.29
C CYS G 112 -37.39 19.04 15.98
N ALA G 113 -37.59 20.11 15.20
CA ALA G 113 -37.60 21.45 15.77
C ALA G 113 -38.65 22.31 15.08
N MET G 114 -39.03 23.39 15.77
CA MET G 114 -40.09 24.28 15.30
C MET G 114 -39.77 25.72 15.72
N ARG G 115 -40.14 26.67 14.86
CA ARG G 115 -39.93 28.08 15.13
C ARG G 115 -41.02 28.61 16.07
N GLY G 116 -41.13 29.92 16.18
CA GLY G 116 -42.17 30.53 16.98
C GLY G 116 -42.27 32.01 16.69
N GLY G 117 -43.36 32.60 17.17
CA GLY G 117 -43.56 34.03 16.98
C GLY G 117 -42.48 34.85 17.63
N GLY G 118 -41.60 35.42 16.82
CA GLY G 118 -40.44 36.14 17.34
C GLY G 118 -40.68 37.63 17.50
N SER G 119 -41.94 38.05 17.49
CA SER G 119 -42.27 39.46 17.58
C SER G 119 -42.37 39.92 19.04
N GLY G 120 -43.29 39.34 19.79
CA GLY G 120 -43.49 39.78 21.17
C GLY G 120 -42.40 39.36 22.13
N GLY G 121 -42.37 38.08 22.48
CA GLY G 121 -41.37 37.59 23.41
C GLY G 121 -40.89 36.17 23.18
N SER G 122 -41.37 35.53 22.12
CA SER G 122 -41.25 34.08 22.02
C SER G 122 -40.55 33.62 20.74
N TYR G 123 -39.39 34.20 20.44
CA TYR G 123 -38.59 33.72 19.32
C TYR G 123 -38.14 32.28 19.56
N ILE G 124 -37.26 32.09 20.55
CA ILE G 124 -36.92 30.83 21.21
C ILE G 124 -37.05 29.60 20.31
N PRO G 125 -36.20 29.43 19.27
CA PRO G 125 -36.23 28.18 18.51
C PRO G 125 -36.06 26.97 19.40
N THR G 126 -37.09 26.14 19.51
CA THR G 126 -37.09 25.00 20.40
C THR G 126 -36.67 23.73 19.66
N PHE G 127 -36.16 22.77 20.42
CA PHE G 127 -35.64 21.52 19.86
C PHE G 127 -36.22 20.33 20.61
N GLY G 128 -36.29 19.19 19.91
CA GLY G 128 -36.77 17.97 20.49
C GLY G 128 -35.65 17.19 21.18
N ARG G 129 -36.04 16.06 21.78
CA ARG G 129 -35.09 15.25 22.52
C ARG G 129 -34.16 14.49 21.59
N GLY G 130 -34.69 13.94 20.51
CA GLY G 130 -33.87 13.21 19.57
C GLY G 130 -34.18 11.72 19.59
N THR G 131 -34.15 11.10 18.41
CA THR G 131 -34.45 9.69 18.24
C THR G 131 -33.30 9.01 17.51
N SER G 132 -32.83 7.89 18.04
CA SER G 132 -31.79 7.11 17.38
C SER G 132 -32.40 6.19 16.33
N LEU G 133 -31.63 5.93 15.28
CA LEU G 133 -32.03 5.04 14.22
C LEU G 133 -30.88 4.08 13.90
N ILE G 134 -31.21 2.80 13.75
CA ILE G 134 -30.22 1.78 13.42
C ILE G 134 -30.72 0.99 12.23
N VAL G 135 -29.90 0.90 11.19
CA VAL G 135 -30.23 0.16 9.98
C VAL G 135 -29.49 -1.17 10.03
N HIS G 136 -30.24 -2.26 9.91
CA HIS G 136 -29.72 -3.62 9.95
C HIS G 136 -29.64 -4.19 8.55
N PRO G 137 -28.50 -4.73 8.14
CA PRO G 137 -28.37 -5.28 6.79
C PRO G 137 -29.06 -6.64 6.68
N ASN G 138 -29.20 -7.08 5.44
CA ASN G 138 -29.72 -8.42 5.14
C ASN G 138 -28.52 -9.33 4.89
N ILE G 139 -28.25 -10.23 5.84
CA ILE G 139 -27.07 -11.08 5.75
C ILE G 139 -27.20 -12.08 4.61
N GLN G 140 -28.37 -12.72 4.51
CA GLN G 140 -28.76 -13.56 3.38
C GLN G 140 -27.99 -14.88 3.36
N ASN G 141 -26.96 -15.00 4.19
CA ASN G 141 -26.14 -16.20 4.33
C ASN G 141 -25.48 -16.23 5.70
N PRO G 142 -26.22 -16.54 6.76
CA PRO G 142 -25.61 -16.61 8.09
C PRO G 142 -24.54 -17.69 8.17
N ASP G 143 -23.49 -17.41 8.93
CA ASP G 143 -22.40 -18.35 9.13
C ASP G 143 -21.60 -17.98 10.37
N PRO G 144 -22.20 -18.04 11.56
CA PRO G 144 -21.51 -17.52 12.75
C PRO G 144 -20.21 -18.27 13.01
N ALA G 145 -19.20 -17.54 13.48
CA ALA G 145 -17.93 -18.16 13.82
C ALA G 145 -17.22 -17.31 14.85
N VAL G 146 -16.32 -17.95 15.60
CA VAL G 146 -15.54 -17.29 16.65
C VAL G 146 -14.08 -17.65 16.40
N TYR G 147 -13.37 -16.77 15.70
CA TYR G 147 -11.95 -16.98 15.41
C TYR G 147 -11.09 -16.30 16.45
N GLN G 148 -9.84 -16.75 16.56
CA GLN G 148 -8.86 -16.12 17.43
C GLN G 148 -7.73 -15.55 16.57
N LEU G 149 -7.46 -14.27 16.71
CA LEU G 149 -6.47 -13.60 15.88
C LEU G 149 -5.07 -13.84 16.40
N ARG G 150 -4.11 -13.78 15.47
CA ARG G 150 -2.71 -13.97 15.82
C ARG G 150 -2.21 -12.86 16.74
N ASP G 151 -1.22 -13.17 17.54
CA ASP G 151 -0.68 -12.21 18.48
C ASP G 151 0.01 -11.06 17.75
N SER G 152 0.27 -9.98 18.48
CA SER G 152 0.84 -8.77 17.90
C SER G 152 2.36 -8.74 17.97
N LYS G 153 2.97 -9.54 18.84
CA LYS G 153 4.40 -9.57 19.13
C LYS G 153 4.88 -8.27 19.77
N SER G 154 3.99 -7.32 20.02
CA SER G 154 4.33 -6.08 20.72
C SER G 154 3.32 -5.76 21.82
N SER G 155 2.40 -6.68 22.10
CA SER G 155 1.39 -6.47 23.14
C SER G 155 1.06 -7.82 23.77
N ASP G 156 0.64 -7.77 25.03
CA ASP G 156 0.31 -8.98 25.77
C ASP G 156 -1.18 -9.33 25.73
N LYS G 157 -1.98 -8.56 25.01
CA LYS G 157 -3.41 -8.82 24.93
C LYS G 157 -3.68 -10.02 24.04
N SER G 158 -4.84 -10.64 24.26
CA SER G 158 -5.32 -11.74 23.44
C SER G 158 -6.67 -11.35 22.87
N VAL G 159 -6.74 -11.22 21.55
CA VAL G 159 -7.90 -10.67 20.86
C VAL G 159 -8.56 -11.78 20.05
N CYS G 160 -9.89 -11.82 20.05
CA CYS G 160 -10.59 -12.73 19.18
C CYS G 160 -11.92 -12.13 18.73
N LEU G 161 -12.44 -12.71 17.65
CA LEU G 161 -13.45 -12.07 16.80
C LEU G 161 -14.65 -12.99 16.63
N PHE G 162 -15.83 -12.47 16.96
CA PHE G 162 -17.09 -13.15 16.69
C PHE G 162 -17.69 -12.50 15.45
N THR G 163 -17.82 -13.28 14.37
CA THR G 163 -18.14 -12.69 13.07
C THR G 163 -19.16 -13.53 12.33
N ASP G 164 -19.79 -12.87 11.35
CA ASP G 164 -20.67 -13.47 10.35
C ASP G 164 -22.00 -13.94 10.92
N PHE G 165 -22.38 -13.45 12.09
CA PHE G 165 -23.64 -13.87 12.68
C PHE G 165 -24.81 -13.09 12.07
N ASP G 166 -26.02 -13.49 12.44
CA ASP G 166 -27.24 -12.90 11.93
C ASP G 166 -27.54 -11.58 12.65
N SER G 167 -28.37 -10.75 12.01
CA SER G 167 -28.63 -9.41 12.54
C SER G 167 -29.32 -9.46 13.89
N GLN G 168 -30.17 -10.47 14.13
CA GLN G 168 -30.92 -10.53 15.38
C GLN G 168 -30.02 -10.82 16.57
N THR G 169 -28.97 -11.61 16.38
CA THR G 169 -28.09 -12.00 17.47
C THR G 169 -27.41 -10.76 18.05
N ASN G 170 -27.81 -10.37 19.26
CA ASN G 170 -27.25 -9.18 19.90
C ASN G 170 -26.31 -9.58 21.03
N VAL G 171 -25.21 -8.84 21.16
CA VAL G 171 -24.10 -9.21 22.02
C VAL G 171 -24.22 -8.45 23.34
N SER G 172 -24.06 -9.17 24.45
CA SER G 172 -24.11 -8.60 25.77
C SER G 172 -22.69 -8.38 26.31
N GLN G 173 -22.58 -7.46 27.27
CA GLN G 173 -21.29 -7.15 27.87
C GLN G 173 -20.81 -8.30 28.75
N SER G 174 -19.52 -8.30 29.04
CA SER G 174 -18.89 -9.33 29.84
C SER G 174 -18.99 -8.98 31.32
N LYS G 175 -19.43 -9.93 32.13
CA LYS G 175 -19.49 -9.70 33.57
C LYS G 175 -18.11 -9.57 34.17
N ASP G 176 -17.11 -10.23 33.60
CA ASP G 176 -15.75 -10.16 34.12
C ASP G 176 -15.20 -8.74 33.93
N SER G 177 -14.43 -8.29 34.92
CA SER G 177 -13.92 -6.93 34.91
C SER G 177 -12.75 -6.76 33.95
N ASP G 178 -11.93 -7.80 33.75
CA ASP G 178 -10.71 -7.70 32.97
C ASP G 178 -10.88 -8.12 31.51
N VAL G 179 -12.11 -8.36 31.07
CA VAL G 179 -12.40 -8.74 29.69
C VAL G 179 -13.25 -7.64 29.05
N TYR G 180 -12.80 -7.13 27.91
CA TYR G 180 -13.48 -6.04 27.23
C TYR G 180 -14.13 -6.57 25.96
N ILE G 181 -15.40 -6.26 25.77
CA ILE G 181 -16.19 -6.68 24.62
C ILE G 181 -16.87 -5.46 24.02
N THR G 182 -16.77 -5.30 22.71
CA THR G 182 -17.43 -4.21 22.01
C THR G 182 -18.78 -4.67 21.47
N ASP G 183 -19.62 -3.69 21.14
CA ASP G 183 -20.93 -4.00 20.58
C ASP G 183 -20.80 -4.39 19.11
N LYS G 184 -21.87 -4.95 18.57
CA LYS G 184 -21.86 -5.39 17.18
C LYS G 184 -21.73 -4.20 16.24
N THR G 185 -21.05 -4.43 15.12
CA THR G 185 -20.83 -3.39 14.12
C THR G 185 -20.99 -3.99 12.73
N VAL G 186 -21.52 -3.18 11.81
CA VAL G 186 -21.79 -3.60 10.44
C VAL G 186 -20.64 -3.19 9.55
N LEU G 187 -20.17 -4.13 8.73
CA LEU G 187 -19.08 -3.91 7.79
C LEU G 187 -19.58 -4.20 6.38
N ASP G 188 -19.11 -3.41 5.42
CA ASP G 188 -19.54 -3.50 4.02
C ASP G 188 -18.32 -3.60 3.12
N MET G 189 -18.30 -4.60 2.25
CA MET G 189 -17.22 -4.82 1.29
C MET G 189 -17.76 -4.56 -0.10
N ARG G 190 -17.36 -3.44 -0.70
CA ARG G 190 -17.79 -3.13 -2.06
C ARG G 190 -17.05 -3.95 -3.10
N SER G 191 -15.88 -4.49 -2.78
CA SER G 191 -15.14 -5.30 -3.74
C SER G 191 -15.87 -6.57 -4.09
N MET G 192 -16.67 -7.11 -3.15
CA MET G 192 -17.52 -8.25 -3.42
C MET G 192 -18.88 -8.10 -2.75
N ASP G 193 -19.36 -6.86 -2.62
CA ASP G 193 -20.67 -6.47 -2.10
C ASP G 193 -21.17 -7.38 -0.99
N PHE G 194 -20.39 -7.51 0.08
CA PHE G 194 -20.66 -8.44 1.16
C PHE G 194 -20.85 -7.65 2.45
N LYS G 195 -21.99 -7.85 3.11
CA LYS G 195 -22.27 -7.22 4.39
C LYS G 195 -22.09 -8.24 5.51
N SER G 196 -21.61 -7.75 6.66
CA SER G 196 -21.37 -8.66 7.78
C SER G 196 -21.51 -7.91 9.09
N ASN G 197 -21.69 -8.68 10.16
CA ASN G 197 -21.72 -8.17 11.53
C ASN G 197 -20.51 -8.72 12.28
N SER G 198 -19.99 -7.91 13.22
CA SER G 198 -18.77 -8.31 13.89
C SER G 198 -18.75 -7.78 15.33
N ALA G 199 -18.02 -8.50 16.18
CA ALA G 199 -17.75 -8.07 17.55
C ALA G 199 -16.37 -8.60 17.96
N VAL G 200 -15.74 -7.89 18.91
CA VAL G 200 -14.37 -8.18 19.31
C VAL G 200 -14.32 -8.32 20.83
N ALA G 201 -13.60 -9.33 21.31
CA ALA G 201 -13.37 -9.50 22.74
C ALA G 201 -11.89 -9.67 22.99
N TRP G 202 -11.40 -9.02 24.05
CA TRP G 202 -9.98 -9.11 24.36
C TRP G 202 -9.74 -8.96 25.84
N SER G 203 -8.60 -9.48 26.29
CA SER G 203 -8.23 -9.40 27.71
C SER G 203 -6.75 -9.74 27.85
N ASN G 204 -6.27 -9.57 29.08
CA ASN G 204 -4.89 -9.91 29.47
C ASN G 204 -4.95 -10.87 30.63
N LYS G 205 -5.01 -12.17 30.34
CA LYS G 205 -4.90 -13.17 31.39
C LYS G 205 -4.54 -14.51 30.75
N SER G 206 -3.83 -15.33 31.53
CA SER G 206 -3.26 -16.56 30.98
C SER G 206 -4.35 -17.53 30.52
N ASP G 207 -5.42 -17.67 31.31
CA ASP G 207 -6.46 -18.65 31.02
C ASP G 207 -7.53 -18.09 30.08
N PHE G 208 -7.22 -17.06 29.30
CA PHE G 208 -8.22 -16.47 28.40
C PHE G 208 -8.17 -17.24 27.09
N ALA G 209 -8.92 -18.33 27.03
CA ALA G 209 -9.21 -19.04 25.79
C ALA G 209 -10.68 -18.76 25.48
N CYS G 210 -10.93 -18.07 24.37
CA CYS G 210 -12.22 -17.42 24.19
C CYS G 210 -13.24 -18.30 23.48
N ALA G 211 -13.15 -19.62 23.65
CA ALA G 211 -14.32 -20.45 23.42
C ALA G 211 -15.41 -20.17 24.45
N ASN G 212 -15.08 -19.46 25.52
CA ASN G 212 -16.04 -19.09 26.55
C ASN G 212 -16.07 -17.59 26.84
N ALA G 213 -15.45 -16.76 26.01
CA ALA G 213 -15.47 -15.32 26.24
C ALA G 213 -16.86 -14.75 26.06
N PHE G 214 -17.55 -15.15 25.00
CA PHE G 214 -18.92 -14.71 24.79
C PHE G 214 -19.92 -15.62 25.51
N ASN G 215 -19.65 -15.87 26.79
CA ASN G 215 -20.55 -16.72 27.57
C ASN G 215 -21.83 -15.97 27.95
N ASN G 216 -21.69 -14.70 28.33
CA ASN G 216 -22.85 -13.92 28.76
C ASN G 216 -23.80 -13.63 27.60
N SER G 217 -23.33 -13.68 26.36
CA SER G 217 -24.16 -13.43 25.21
C SER G 217 -24.84 -14.72 24.75
N ILE G 218 -26.02 -14.57 24.15
CA ILE G 218 -26.75 -15.73 23.61
C ILE G 218 -26.31 -15.87 22.16
N ILE G 219 -25.19 -16.56 21.97
CA ILE G 219 -24.70 -16.86 20.64
C ILE G 219 -25.60 -17.92 20.01
N PRO G 220 -25.76 -17.95 18.69
CA PRO G 220 -26.68 -18.93 18.09
C PRO G 220 -26.12 -20.34 18.11
N GLU G 221 -26.85 -21.27 17.50
CA GLU G 221 -26.37 -22.63 17.38
C GLU G 221 -25.29 -22.71 16.30
N ASP G 222 -24.74 -23.92 16.13
CA ASP G 222 -23.78 -24.27 15.08
C ASP G 222 -22.81 -23.14 14.73
N THR G 223 -22.25 -22.53 15.77
CA THR G 223 -21.20 -21.54 15.58
C THR G 223 -19.87 -22.24 15.46
N PHE G 224 -19.14 -21.93 14.39
CA PHE G 224 -17.87 -22.60 14.12
C PHE G 224 -16.84 -22.23 15.16
N PHE G 225 -16.15 -23.25 15.70
CA PHE G 225 -15.03 -23.05 16.60
C PHE G 225 -13.81 -23.74 16.01
N PRO G 226 -12.84 -22.99 15.48
CA PRO G 226 -11.74 -23.62 14.75
C PRO G 226 -10.85 -24.47 15.65
N SER G 227 -10.25 -25.49 15.04
CA SER G 227 -9.30 -26.36 15.70
C SER G 227 -7.95 -25.66 15.84
N PRO G 228 -7.18 -25.99 16.89
CA PRO G 228 -5.88 -25.32 17.08
C PRO G 228 -4.89 -25.55 15.95
N GLU G 229 -4.96 -26.67 15.23
CA GLU G 229 -4.00 -26.95 14.18
C GLU G 229 -4.26 -26.05 12.98
N SER G 230 -3.19 -25.80 12.21
CA SER G 230 -3.29 -24.93 11.05
C SER G 230 -3.74 -25.71 9.82
N SER G 231 -4.28 -24.97 8.85
CA SER G 231 -4.69 -25.52 7.58
C SER G 231 -4.20 -24.62 6.46
N CYS G 232 -4.05 -25.19 5.26
CA CYS G 232 -3.48 -24.47 4.15
C CYS G 232 -4.11 -24.93 2.84
N ASP G 233 -3.99 -24.08 1.82
CA ASP G 233 -4.41 -24.40 0.46
C ASP G 233 -3.41 -23.71 -0.46
N VAL G 234 -2.39 -24.48 -0.89
CA VAL G 234 -1.27 -23.88 -1.63
C VAL G 234 -1.72 -23.27 -2.94
N LYS G 235 -2.81 -23.78 -3.53
CA LYS G 235 -3.34 -23.17 -4.74
C LYS G 235 -3.81 -21.74 -4.48
N LEU G 236 -4.50 -21.52 -3.36
CA LEU G 236 -4.92 -20.17 -3.00
C LEU G 236 -3.71 -19.26 -2.78
N VAL G 237 -2.66 -19.80 -2.16
CA VAL G 237 -1.47 -18.99 -1.89
C VAL G 237 -0.76 -18.62 -3.19
N GLU G 238 -0.71 -19.54 -4.15
CA GLU G 238 -0.08 -19.22 -5.42
C GLU G 238 -0.98 -18.39 -6.33
N LYS G 239 -2.27 -18.27 -6.00
CA LYS G 239 -3.12 -17.35 -6.76
C LYS G 239 -2.66 -15.91 -6.62
N SER G 240 -2.07 -15.55 -5.48
CA SER G 240 -1.57 -14.20 -5.24
C SER G 240 -0.06 -14.12 -5.46
N PHE G 241 0.36 -14.33 -6.70
CA PHE G 241 1.76 -14.25 -7.09
C PHE G 241 1.92 -13.18 -8.16
N GLU G 242 2.93 -12.33 -8.01
CA GLU G 242 3.24 -11.34 -9.02
C GLU G 242 4.73 -11.04 -8.98
N THR G 243 5.24 -10.55 -10.11
CA THR G 243 6.67 -10.33 -10.31
C THR G 243 6.94 -8.86 -10.57
N ASP G 244 8.22 -8.53 -10.77
CA ASP G 244 8.64 -7.19 -11.13
C ASP G 244 9.73 -7.29 -12.19
N THR G 245 10.29 -6.14 -12.57
CA THR G 245 11.29 -6.12 -13.63
C THR G 245 12.59 -6.77 -13.19
N ASN G 246 12.96 -6.61 -11.92
CA ASN G 246 14.23 -7.17 -11.44
C ASN G 246 14.23 -8.69 -11.51
N LEU G 247 13.11 -9.33 -11.15
CA LEU G 247 13.03 -10.77 -11.23
C LEU G 247 13.16 -11.26 -12.67
N ASN G 248 12.51 -10.57 -13.60
CA ASN G 248 12.64 -10.93 -15.01
C ASN G 248 14.09 -10.80 -15.48
N PHE G 249 14.76 -9.72 -15.09
CA PHE G 249 16.15 -9.55 -15.50
C PHE G 249 17.04 -10.64 -14.92
N GLN G 250 16.82 -11.01 -13.66
CA GLN G 250 17.63 -12.07 -13.05
C GLN G 250 17.38 -13.41 -13.72
N ASN G 251 16.13 -13.72 -14.07
CA ASN G 251 15.85 -14.96 -14.77
C ASN G 251 16.54 -15.00 -16.13
N LEU G 252 16.49 -13.90 -16.87
CA LEU G 252 17.18 -13.86 -18.15
C LEU G 252 18.68 -14.00 -17.98
N SER G 253 19.23 -13.41 -16.93
CA SER G 253 20.66 -13.57 -16.64
C SER G 253 21.01 -15.03 -16.39
N VAL G 254 20.17 -15.74 -15.64
CA VAL G 254 20.43 -17.15 -15.37
C VAL G 254 20.40 -17.95 -16.67
N ILE G 255 19.43 -17.67 -17.53
CA ILE G 255 19.35 -18.38 -18.81
C ILE G 255 20.59 -18.14 -19.65
N GLY G 256 21.04 -16.88 -19.73
CA GLY G 256 22.25 -16.59 -20.49
C GLY G 256 23.48 -17.26 -19.92
N PHE G 257 23.60 -17.30 -18.60
CA PHE G 257 24.72 -17.98 -17.96
C PHE G 257 24.71 -19.47 -18.30
N ARG G 258 23.53 -20.09 -18.29
CA ARG G 258 23.46 -21.50 -18.64
C ARG G 258 23.90 -21.75 -20.07
N ILE G 259 23.46 -20.89 -21.00
CA ILE G 259 23.86 -21.08 -22.40
C ILE G 259 25.37 -20.94 -22.56
N LEU G 260 25.95 -19.91 -21.92
CA LEU G 260 27.39 -19.70 -22.04
C LEU G 260 28.17 -20.87 -21.45
N LEU G 261 27.72 -21.39 -20.30
CA LEU G 261 28.38 -22.53 -19.69
C LEU G 261 28.30 -23.75 -20.60
N LEU G 262 27.16 -23.94 -21.25
CA LEU G 262 27.03 -25.06 -22.18
C LEU G 262 28.05 -24.96 -23.31
N LYS G 263 28.18 -23.78 -23.90
CA LYS G 263 29.12 -23.61 -25.01
C LYS G 263 30.56 -23.82 -24.56
N VAL G 264 30.93 -23.26 -23.40
CA VAL G 264 32.30 -23.41 -22.92
C VAL G 264 32.60 -24.87 -22.59
N ALA G 265 31.63 -25.58 -22.03
CA ALA G 265 31.83 -26.99 -21.74
C ALA G 265 32.01 -27.80 -23.02
N GLY G 266 31.24 -27.46 -24.07
CA GLY G 266 31.44 -28.13 -25.35
C GLY G 266 32.85 -27.93 -25.89
N PHE G 267 33.35 -26.70 -25.82
CA PHE G 267 34.72 -26.44 -26.27
C PHE G 267 35.72 -27.23 -25.44
N ASN G 268 35.54 -27.26 -24.12
CA ASN G 268 36.44 -28.02 -23.25
C ASN G 268 36.47 -29.48 -23.64
N LEU G 269 35.29 -30.08 -23.85
CA LEU G 269 35.24 -31.50 -24.19
C LEU G 269 35.92 -31.78 -25.53
N LEU G 270 35.70 -30.92 -26.52
CA LEU G 270 36.34 -31.15 -27.82
C LEU G 270 37.85 -31.06 -27.70
N MET G 271 38.36 -30.08 -26.96
CA MET G 271 39.81 -29.96 -26.82
C MET G 271 40.38 -31.15 -26.04
N THR G 272 39.63 -31.65 -25.06
CA THR G 272 40.07 -32.80 -24.29
C THR G 272 40.18 -34.04 -25.17
N LEU G 273 39.17 -34.31 -25.99
CA LEU G 273 39.31 -35.42 -26.92
C LEU G 273 40.39 -35.19 -27.96
N ARG G 274 40.72 -33.93 -28.26
CA ARG G 274 41.88 -33.69 -29.11
C ARG G 274 43.18 -34.11 -28.44
N LEU G 275 43.35 -33.77 -27.16
CA LEU G 275 44.60 -34.04 -26.44
C LEU G 275 44.54 -35.29 -25.58
N TRP G 276 43.59 -36.19 -25.83
CA TRP G 276 43.30 -37.32 -24.94
C TRP G 276 44.53 -37.92 -24.27
N SER G 277 45.49 -38.37 -25.06
CA SER G 277 46.66 -39.06 -24.51
C SER G 277 47.83 -39.01 -25.48
N LYS H 22 -21.61 28.65 5.27
CA LYS H 22 -20.51 27.93 5.90
C LYS H 22 -20.18 28.53 7.27
N VAL H 23 -20.35 27.73 8.31
CA VAL H 23 -20.05 28.13 9.68
C VAL H 23 -18.91 27.28 10.18
N THR H 24 -17.88 27.92 10.73
CA THR H 24 -16.70 27.24 11.24
C THR H 24 -16.45 27.66 12.68
N GLN H 25 -15.76 26.79 13.40
CA GLN H 25 -15.40 27.03 14.80
C GLN H 25 -13.88 26.98 14.95
N SER H 26 -13.42 27.40 16.13
CA SER H 26 -11.99 27.53 16.36
C SER H 26 -11.27 26.18 16.24
N SER H 27 -11.85 25.13 16.81
CA SER H 27 -11.23 23.81 16.79
C SER H 27 -12.32 22.77 17.02
N ARG H 28 -11.93 21.50 16.96
CA ARG H 28 -12.85 20.40 17.19
C ARG H 28 -12.61 19.68 18.52
N TYR H 29 -11.39 19.70 19.03
CA TYR H 29 -11.07 19.06 20.30
C TYR H 29 -10.24 20.01 21.14
N LEU H 30 -10.54 20.08 22.44
CA LEU H 30 -9.84 20.96 23.34
C LEU H 30 -9.76 20.32 24.72
N VAL H 31 -8.62 20.48 25.38
CA VAL H 31 -8.43 20.02 26.75
C VAL H 31 -7.83 21.16 27.56
N LYS H 32 -8.39 21.41 28.75
CA LYS H 32 -7.98 22.51 29.59
C LYS H 32 -8.00 22.06 31.04
N ARG H 33 -7.39 22.87 31.90
CA ARG H 33 -7.38 22.62 33.33
C ARG H 33 -8.35 23.54 34.05
N THR H 34 -8.77 23.12 35.23
CA THR H 34 -9.73 23.90 36.01
C THR H 34 -9.12 25.23 36.43
N GLY H 35 -9.96 26.26 36.42
CA GLY H 35 -9.53 27.60 36.81
C GLY H 35 -8.96 28.44 35.70
N GLU H 36 -8.79 27.87 34.50
CA GLU H 36 -8.25 28.61 33.37
C GLU H 36 -9.37 29.33 32.62
N LYS H 37 -8.98 30.18 31.69
CA LYS H 37 -9.91 30.92 30.84
C LYS H 37 -9.91 30.30 29.46
N VAL H 38 -11.10 29.99 28.93
CA VAL H 38 -11.24 29.29 27.67
C VAL H 38 -12.00 30.18 26.70
N PHE H 39 -11.53 30.22 25.45
CA PHE H 39 -12.14 31.02 24.40
C PHE H 39 -12.57 30.12 23.25
N LEU H 40 -13.80 30.28 22.80
CA LEU H 40 -14.34 29.55 21.66
C LEU H 40 -14.81 30.55 20.61
N GLU H 41 -14.52 30.27 19.35
CA GLU H 41 -14.79 31.20 18.26
C GLU H 41 -15.76 30.56 17.27
N CYS H 42 -16.61 31.39 16.69
CA CYS H 42 -17.57 30.93 15.68
C CYS H 42 -17.66 31.99 14.59
N VAL H 43 -17.38 31.58 13.35
CA VAL H 43 -17.33 32.51 12.22
C VAL H 43 -18.22 31.97 11.11
N GLN H 44 -19.10 32.82 10.61
CA GLN H 44 -19.94 32.50 9.45
C GLN H 44 -19.67 33.51 8.36
N ASP H 45 -20.15 33.21 7.15
CA ASP H 45 -19.96 34.10 6.01
C ASP H 45 -21.18 34.15 5.12
N MET H 46 -22.38 33.94 5.68
CA MET H 46 -23.62 33.96 4.92
C MET H 46 -24.46 35.19 5.21
N ASP H 47 -23.91 36.18 5.91
CA ASP H 47 -24.63 37.40 6.30
C ASP H 47 -25.90 37.04 7.08
N HIS H 48 -25.70 36.39 8.22
CA HIS H 48 -26.79 35.97 9.08
C HIS H 48 -26.84 36.88 10.30
N GLU H 49 -28.06 37.26 10.69
CA GLU H 49 -28.25 38.18 11.81
C GLU H 49 -28.25 37.48 13.16
N ASN H 50 -29.05 36.43 13.30
CA ASN H 50 -29.21 35.75 14.58
C ASN H 50 -28.15 34.67 14.75
N MET H 51 -27.56 34.62 15.95
CA MET H 51 -26.54 33.65 16.28
C MET H 51 -26.89 32.96 17.59
N PHE H 52 -26.55 31.68 17.68
CA PHE H 52 -26.89 30.86 18.84
C PHE H 52 -25.68 30.04 19.26
N TRP H 53 -25.46 29.96 20.57
CA TRP H 53 -24.45 29.08 21.15
C TRP H 53 -25.16 28.06 22.03
N TYR H 54 -25.04 26.78 21.66
CA TYR H 54 -25.76 25.65 22.23
C TYR H 54 -24.78 24.69 22.90
N ARG H 55 -25.30 23.90 23.84
CA ARG H 55 -24.53 22.86 24.51
C ARG H 55 -25.29 21.55 24.45
N GLN H 56 -24.60 20.47 24.11
CA GLN H 56 -25.22 19.15 24.00
C GLN H 56 -24.69 18.23 25.08
N ASP H 57 -25.61 17.54 25.77
CA ASP H 57 -25.30 16.60 26.82
C ASP H 57 -26.04 15.30 26.61
N PRO H 58 -25.49 14.18 27.07
CA PRO H 58 -26.18 12.90 26.94
C PRO H 58 -27.40 12.85 27.86
N GLY H 59 -28.57 12.63 27.27
CA GLY H 59 -29.79 12.53 28.03
C GLY H 59 -30.45 13.85 28.36
N LEU H 60 -29.86 14.97 27.95
CA LEU H 60 -30.45 16.29 28.19
C LEU H 60 -30.88 17.01 26.93
N GLY H 61 -30.36 16.62 25.77
CA GLY H 61 -30.70 17.29 24.53
C GLY H 61 -29.96 18.60 24.37
N LEU H 62 -30.25 19.28 23.26
CA LEU H 62 -29.65 20.57 23.00
C LEU H 62 -30.20 21.61 23.97
N ARG H 63 -29.31 22.36 24.61
CA ARG H 63 -29.68 23.41 25.54
C ARG H 63 -29.09 24.72 25.05
N LEU H 64 -29.91 25.76 25.03
CA LEU H 64 -29.48 27.06 24.53
C LEU H 64 -28.66 27.78 25.60
N ILE H 65 -27.35 27.86 25.39
CA ILE H 65 -26.53 28.65 26.30
C ILE H 65 -26.83 30.14 26.11
N TYR H 66 -26.46 30.69 24.96
CA TYR H 66 -26.65 32.12 24.70
C TYR H 66 -27.18 32.37 23.29
N PHE H 67 -27.75 33.55 23.12
CA PHE H 67 -28.38 33.98 21.88
C PHE H 67 -28.02 35.43 21.61
N SER H 68 -27.88 35.78 20.33
CA SER H 68 -27.58 37.14 19.92
C SER H 68 -28.44 37.48 18.71
N TYR H 69 -29.35 38.44 18.88
CA TYR H 69 -30.25 38.83 17.79
C TYR H 69 -29.48 39.53 16.68
N ASP H 70 -28.63 40.50 17.04
CA ASP H 70 -27.86 41.25 16.07
C ASP H 70 -26.61 41.78 16.77
N VAL H 71 -25.93 42.73 16.13
CA VAL H 71 -24.66 43.23 16.66
C VAL H 71 -24.88 43.90 18.01
N LYS H 72 -23.93 43.68 18.93
CA LYS H 72 -23.93 44.31 20.25
C LYS H 72 -25.18 43.94 21.06
N MET H 73 -25.62 42.69 20.92
CA MET H 73 -26.74 42.16 21.68
C MET H 73 -26.29 40.96 22.49
N LYS H 74 -26.55 40.97 23.79
CA LYS H 74 -26.21 39.88 24.69
C LYS H 74 -27.42 39.61 25.58
N GLU H 75 -28.13 38.52 25.31
CA GLU H 75 -29.31 38.15 26.07
C GLU H 75 -29.14 36.76 26.68
N LYS H 76 -29.69 36.58 27.88
CA LYS H 76 -29.49 35.37 28.64
C LYS H 76 -30.20 34.18 27.98
N GLY H 77 -29.72 32.98 28.31
CA GLY H 77 -30.32 31.76 27.82
C GLY H 77 -30.78 30.84 28.93
N ASP H 78 -31.02 29.57 28.59
CA ASP H 78 -31.51 28.61 29.58
C ASP H 78 -30.48 28.36 30.67
N ILE H 79 -29.21 28.23 30.29
CA ILE H 79 -28.14 27.95 31.24
C ILE H 79 -27.03 28.98 31.09
N PRO H 80 -27.22 30.19 31.61
CA PRO H 80 -26.27 31.28 31.37
C PRO H 80 -25.15 31.44 32.40
N GLU H 81 -25.15 30.65 33.47
CA GLU H 81 -24.18 30.85 34.53
C GLU H 81 -22.81 30.33 34.12
N GLY H 82 -21.78 31.13 34.37
CA GLY H 82 -20.42 30.72 34.12
C GLY H 82 -19.93 30.94 32.70
N TYR H 83 -20.68 31.64 31.86
CA TYR H 83 -20.30 31.88 30.48
C TYR H 83 -20.44 33.37 30.16
N SER H 84 -19.74 33.79 29.11
CA SER H 84 -19.84 35.14 28.60
C SER H 84 -19.71 35.09 27.09
N VAL H 85 -20.14 36.15 26.41
CA VAL H 85 -19.94 36.27 24.97
C VAL H 85 -19.50 37.68 24.59
N SER H 86 -18.98 37.78 23.37
CA SER H 86 -18.69 39.05 22.73
C SER H 86 -19.27 38.99 21.32
N ARG H 87 -20.10 39.97 20.99
CA ARG H 87 -20.72 40.13 19.68
C ARG H 87 -20.42 41.52 19.14
N GLU H 88 -19.14 41.91 19.23
CA GLU H 88 -18.72 43.23 18.78
C GLU H 88 -18.74 43.38 17.27
N LYS H 89 -18.89 42.28 16.53
CA LYS H 89 -18.92 42.32 15.07
C LYS H 89 -20.08 41.50 14.55
N LYS H 90 -20.54 41.85 13.35
CA LYS H 90 -21.66 41.14 12.73
C LYS H 90 -21.30 39.69 12.42
N GLU H 91 -20.08 39.46 11.95
CA GLU H 91 -19.66 38.15 11.45
C GLU H 91 -18.88 37.36 12.50
N ARG H 92 -19.01 37.72 13.77
CA ARG H 92 -18.27 37.08 14.85
C ARG H 92 -19.17 36.96 16.07
N PHE H 93 -19.04 35.83 16.78
CA PHE H 93 -19.79 35.62 18.02
C PHE H 93 -18.93 34.71 18.90
N SER H 94 -18.19 35.30 19.82
CA SER H 94 -17.21 34.56 20.61
C SER H 94 -17.76 34.24 21.99
N LEU H 95 -17.37 33.08 22.51
CA LEU H 95 -17.82 32.59 23.81
C LEU H 95 -16.63 32.41 24.73
N ILE H 96 -16.82 32.71 26.01
CA ILE H 96 -15.74 32.72 27.00
C ILE H 96 -16.19 31.97 28.24
N LEU H 97 -15.38 31.00 28.66
CA LEU H 97 -15.49 30.36 29.97
C LEU H 97 -14.47 31.04 30.87
N GLU H 98 -14.96 31.91 31.76
CA GLU H 98 -14.07 32.71 32.59
C GLU H 98 -13.27 31.86 33.57
N SER H 99 -13.88 30.82 34.12
CA SER H 99 -13.19 29.90 35.01
C SER H 99 -13.67 28.48 34.67
N ALA H 100 -12.88 27.77 33.87
CA ALA H 100 -13.24 26.43 33.47
C ALA H 100 -13.26 25.50 34.67
N SER H 101 -14.15 24.50 34.60
CA SER H 101 -14.28 23.52 35.66
C SER H 101 -14.79 22.21 35.05
N THR H 102 -14.66 21.13 35.81
CA THR H 102 -15.07 19.82 35.34
C THR H 102 -16.57 19.77 35.08
N ASN H 103 -17.32 20.75 35.59
CA ASN H 103 -18.76 20.81 35.39
C ASN H 103 -19.10 21.16 33.95
N GLN H 104 -18.18 21.80 33.22
CA GLN H 104 -18.47 22.34 31.89
C GLN H 104 -17.87 21.52 30.77
N THR H 105 -17.55 20.25 31.01
CA THR H 105 -17.01 19.38 29.95
C THR H 105 -18.16 18.82 29.12
N SER H 106 -18.23 19.22 27.86
CA SER H 106 -19.33 18.80 26.99
C SER H 106 -19.00 19.18 25.55
N MET H 107 -19.98 19.06 24.66
CA MET H 107 -19.86 19.48 23.28
C MET H 107 -20.63 20.78 23.08
N TYR H 108 -20.00 21.74 22.42
CA TYR H 108 -20.58 23.05 22.17
C TYR H 108 -20.79 23.24 20.66
N LEU H 109 -21.93 23.83 20.31
CA LEU H 109 -22.30 24.04 18.91
C LEU H 109 -22.66 25.50 18.69
N CYS H 110 -22.48 25.95 17.45
CA CYS H 110 -22.80 27.31 17.05
C CYS H 110 -23.70 27.27 15.83
N ALA H 111 -24.73 28.13 15.82
CA ALA H 111 -25.69 28.16 14.74
C ALA H 111 -25.96 29.61 14.34
N SER H 112 -26.33 29.79 13.06
CA SER H 112 -26.66 31.09 12.53
C SER H 112 -27.94 31.01 11.71
N SER H 113 -28.71 32.10 11.72
CA SER H 113 -29.97 32.13 11.00
C SER H 113 -30.33 33.56 10.67
N PHE H 114 -31.28 33.72 9.75
CA PHE H 114 -31.74 35.02 9.30
C PHE H 114 -32.66 35.64 10.36
N THR H 115 -33.28 36.78 10.02
CA THR H 115 -34.23 37.44 10.89
C THR H 115 -35.64 37.12 10.42
N GLY H 116 -36.47 36.61 11.34
CA GLY H 116 -37.81 36.20 11.00
C GLY H 116 -37.93 34.70 10.96
N PRO H 117 -38.91 34.16 11.69
CA PRO H 117 -39.04 32.70 11.79
C PRO H 117 -39.78 32.07 10.62
N TYR H 118 -39.95 32.81 9.53
CA TYR H 118 -40.76 32.31 8.41
C TYR H 118 -40.06 31.17 7.69
N ASN H 119 -38.92 31.45 7.07
CA ASN H 119 -38.15 30.47 6.31
C ASN H 119 -36.68 30.52 6.72
N SER H 120 -36.42 30.52 8.02
CA SER H 120 -35.06 30.69 8.54
C SER H 120 -34.74 29.55 9.51
N PRO H 121 -34.39 28.38 8.98
CA PRO H 121 -33.85 27.32 9.84
C PRO H 121 -32.41 27.59 10.20
N LEU H 122 -31.99 26.99 11.31
CA LEU H 122 -30.63 27.18 11.79
C LEU H 122 -29.64 26.44 10.90
N HIS H 123 -28.39 26.90 10.92
CA HIS H 123 -27.29 26.28 10.18
C HIS H 123 -26.14 26.06 11.15
N PHE H 124 -25.93 24.82 11.56
CA PHE H 124 -24.91 24.51 12.54
C PHE H 124 -23.54 24.35 11.88
N GLY H 125 -22.51 24.31 12.71
CA GLY H 125 -21.14 24.11 12.28
C GLY H 125 -20.70 22.66 12.45
N ASN H 126 -19.47 22.49 12.92
CA ASN H 126 -18.93 21.17 13.21
C ASN H 126 -18.91 20.82 14.68
N GLY H 127 -19.00 21.79 15.57
CA GLY H 127 -18.99 21.54 17.00
C GLY H 127 -17.58 21.48 17.57
N THR H 128 -17.51 21.55 18.90
CA THR H 128 -16.25 21.49 19.62
C THR H 128 -16.45 20.66 20.88
N ARG H 129 -15.66 19.59 21.03
CA ARG H 129 -15.69 18.78 22.24
C ARG H 129 -14.65 19.32 23.21
N LEU H 130 -15.10 19.72 24.40
CA LEU H 130 -14.24 20.36 25.38
C LEU H 130 -14.26 19.55 26.67
N THR H 131 -13.07 19.18 27.13
CA THR H 131 -12.89 18.42 28.36
C THR H 131 -12.01 19.22 29.31
N VAL H 132 -12.49 19.41 30.53
CA VAL H 132 -11.76 20.14 31.56
C VAL H 132 -11.41 19.16 32.68
N THR H 133 -10.13 19.04 32.97
CA THR H 133 -9.64 18.17 34.03
C THR H 133 -9.01 19.00 35.13
N GLU H 134 -8.89 18.40 36.31
CA GLU H 134 -8.33 19.09 37.47
C GLU H 134 -6.83 18.88 37.61
N ASP H 135 -6.20 18.18 36.67
CA ASP H 135 -4.77 17.99 36.68
C ASP H 135 -4.35 17.50 35.31
N LEU H 136 -3.31 18.12 34.75
CA LEU H 136 -2.82 17.75 33.43
C LEU H 136 -2.00 16.47 33.45
N ASN H 137 -1.70 15.92 34.62
CA ASN H 137 -0.97 14.66 34.71
C ASN H 137 -1.78 13.51 34.13
N LYS H 138 -3.11 13.62 34.13
CA LYS H 138 -3.97 12.52 33.71
C LYS H 138 -4.01 12.33 32.19
N VAL H 139 -3.42 13.22 31.42
CA VAL H 139 -3.44 13.09 29.96
C VAL H 139 -2.39 12.08 29.52
N PHE H 140 -2.82 11.09 28.74
CA PHE H 140 -1.94 10.04 28.26
C PHE H 140 -2.14 9.82 26.77
N PRO H 141 -1.10 9.43 26.05
CA PRO H 141 -1.25 9.07 24.63
C PRO H 141 -1.76 7.65 24.50
N PRO H 142 -2.36 7.30 23.37
CA PRO H 142 -2.84 5.93 23.16
C PRO H 142 -1.70 4.97 22.84
N GLU H 143 -1.98 3.69 23.02
CA GLU H 143 -1.12 2.61 22.57
C GLU H 143 -1.86 1.86 21.47
N VAL H 144 -1.23 1.73 20.31
CA VAL H 144 -1.85 1.19 19.11
C VAL H 144 -1.18 -0.13 18.75
N ALA H 145 -1.99 -1.17 18.56
CA ALA H 145 -1.50 -2.48 18.15
C ALA H 145 -2.40 -3.01 17.04
N VAL H 146 -1.83 -3.86 16.19
CA VAL H 146 -2.53 -4.44 15.05
C VAL H 146 -2.43 -5.96 15.14
N PHE H 147 -3.55 -6.63 14.92
CA PHE H 147 -3.64 -8.08 15.00
C PHE H 147 -4.06 -8.62 13.64
N GLU H 148 -3.27 -9.57 13.13
CA GLU H 148 -3.40 -10.14 11.80
C GLU H 148 -4.49 -11.19 11.76
N PRO H 149 -5.04 -11.46 10.58
CA PRO H 149 -6.11 -12.46 10.48
C PRO H 149 -5.63 -13.85 10.84
N SER H 150 -6.57 -14.66 11.33
CA SER H 150 -6.29 -16.06 11.61
C SER H 150 -6.37 -16.89 10.34
N GLU H 151 -5.53 -17.90 10.23
CA GLU H 151 -5.55 -18.77 9.06
C GLU H 151 -6.83 -19.58 8.99
N ALA H 152 -7.48 -19.82 10.13
CA ALA H 152 -8.74 -20.54 10.13
C ALA H 152 -9.81 -19.78 9.36
N GLU H 153 -9.88 -18.46 9.55
CA GLU H 153 -10.85 -17.66 8.79
C GLU H 153 -10.54 -17.70 7.30
N ILE H 154 -9.26 -17.61 6.94
CA ILE H 154 -8.89 -17.62 5.52
C ILE H 154 -9.30 -18.94 4.88
N SER H 155 -9.04 -20.06 5.58
CA SER H 155 -9.43 -21.36 5.03
C SER H 155 -10.95 -21.50 4.97
N HIS H 156 -11.66 -21.04 5.99
CA HIS H 156 -13.10 -21.25 6.04
C HIS H 156 -13.84 -20.42 5.01
N THR H 157 -13.53 -19.11 4.94
CA THR H 157 -14.36 -18.20 4.16
C THR H 157 -13.60 -17.39 3.11
N GLN H 158 -12.30 -17.60 2.96
CA GLN H 158 -11.50 -16.91 1.94
C GLN H 158 -11.52 -15.40 2.15
N LYS H 159 -11.48 -14.96 3.40
CA LYS H 159 -11.43 -13.55 3.74
C LYS H 159 -10.53 -13.36 4.95
N ALA H 160 -10.00 -12.14 5.09
CA ALA H 160 -9.10 -11.80 6.17
C ALA H 160 -9.62 -10.57 6.89
N THR H 161 -9.42 -10.52 8.20
CA THR H 161 -9.92 -9.42 9.02
C THR H 161 -8.83 -8.96 9.97
N LEU H 162 -8.24 -7.80 9.69
CA LEU H 162 -7.25 -7.20 10.57
C LEU H 162 -7.95 -6.33 11.60
N VAL H 163 -7.46 -6.38 12.83
CA VAL H 163 -8.08 -5.64 13.94
C VAL H 163 -7.05 -4.67 14.53
N CYS H 164 -7.45 -3.42 14.65
CA CYS H 164 -6.60 -2.39 15.25
C CYS H 164 -7.17 -2.00 16.61
N LEU H 165 -6.31 -1.96 17.62
CA LEU H 165 -6.70 -1.60 18.98
C LEU H 165 -5.90 -0.40 19.44
N ALA H 166 -6.60 0.64 19.90
CA ALA H 166 -5.98 1.82 20.51
C ALA H 166 -6.50 1.92 21.93
N THR H 167 -5.61 1.69 22.90
CA THR H 167 -6.04 1.58 24.30
C THR H 167 -5.23 2.51 25.18
N GLY H 168 -5.83 2.89 26.31
CA GLY H 168 -5.11 3.57 27.36
C GLY H 168 -4.91 5.05 27.17
N PHE H 169 -5.81 5.73 26.45
CA PHE H 169 -5.67 7.15 26.19
C PHE H 169 -6.76 7.93 26.93
N PHE H 170 -6.45 9.20 27.19
CA PHE H 170 -7.37 10.14 27.83
C PHE H 170 -6.92 11.56 27.51
N PRO H 171 -7.81 12.43 27.07
CA PRO H 171 -9.25 12.24 26.85
C PRO H 171 -9.56 11.53 25.54
N ASP H 172 -10.83 11.16 25.36
CA ASP H 172 -11.27 10.47 24.15
C ASP H 172 -11.36 11.41 22.97
N HIS H 173 -10.21 11.85 22.46
CA HIS H 173 -10.12 12.82 21.37
C HIS H 173 -9.27 12.28 20.24
N VAL H 174 -9.53 11.04 19.82
CA VAL H 174 -8.72 10.38 18.81
C VAL H 174 -9.52 10.18 17.53
N GLU H 175 -8.80 10.02 16.43
CA GLU H 175 -9.37 9.64 15.14
C GLU H 175 -8.55 8.48 14.59
N LEU H 176 -9.20 7.55 13.89
CA LEU H 176 -8.54 6.34 13.44
C LEU H 176 -8.75 6.17 11.94
N SER H 177 -7.71 5.67 11.26
CA SER H 177 -7.75 5.52 9.81
C SER H 177 -6.89 4.34 9.39
N TRP H 178 -7.17 3.83 8.19
CA TRP H 178 -6.48 2.69 7.61
C TRP H 178 -5.79 3.12 6.32
N TRP H 179 -4.52 2.77 6.17
CA TRP H 179 -3.74 3.10 4.99
C TRP H 179 -3.15 1.82 4.41
N VAL H 180 -3.50 1.51 3.17
CA VAL H 180 -2.97 0.36 2.46
C VAL H 180 -2.15 0.87 1.28
N ASN H 181 -0.90 0.43 1.20
CA ASN H 181 0.01 0.84 0.12
C ASN H 181 0.13 2.35 0.04
N GLY H 182 0.12 3.00 1.20
CA GLY H 182 0.25 4.43 1.28
C GLY H 182 -1.00 5.22 0.92
N LYS H 183 -2.13 4.56 0.68
CA LYS H 183 -3.36 5.24 0.32
C LYS H 183 -4.44 4.95 1.35
N GLU H 184 -5.19 5.98 1.72
CA GLU H 184 -6.25 5.81 2.71
C GLU H 184 -7.38 4.98 2.14
N VAL H 185 -7.90 4.06 2.95
CA VAL H 185 -8.93 3.12 2.54
C VAL H 185 -10.22 3.46 3.27
N HIS H 186 -11.32 3.56 2.52
CA HIS H 186 -12.63 3.81 3.09
C HIS H 186 -13.57 2.62 3.00
N SER H 187 -13.33 1.69 2.08
CA SER H 187 -14.19 0.54 1.88
C SER H 187 -13.72 -0.63 2.74
N GLY H 188 -14.68 -1.36 3.30
CA GLY H 188 -14.35 -2.52 4.12
C GLY H 188 -13.80 -2.18 5.48
N VAL H 189 -14.09 -1.00 6.01
CA VAL H 189 -13.60 -0.56 7.31
C VAL H 189 -14.80 -0.29 8.21
N SER H 190 -14.72 -0.77 9.46
CA SER H 190 -15.73 -0.47 10.46
C SER H 190 -15.05 -0.06 11.76
N THR H 191 -15.47 1.08 12.31
CA THR H 191 -14.87 1.62 13.52
C THR H 191 -15.97 1.87 14.54
N ASP H 192 -15.62 1.76 15.82
CA ASP H 192 -16.58 1.99 16.89
C ASP H 192 -17.10 3.42 16.82
N PRO H 193 -18.41 3.63 16.94
CA PRO H 193 -18.94 5.01 16.92
C PRO H 193 -18.39 5.89 18.02
N GLN H 194 -18.18 5.34 19.22
CA GLN H 194 -17.71 6.13 20.36
C GLN H 194 -16.73 5.30 21.17
N PRO H 195 -15.64 5.90 21.64
CA PRO H 195 -14.72 5.18 22.52
C PRO H 195 -15.40 4.80 23.83
N LEU H 196 -15.06 3.60 24.32
CA LEU H 196 -15.61 3.13 25.59
C LEU H 196 -14.58 3.31 26.70
N LYS H 197 -14.97 2.95 27.92
CA LYS H 197 -14.15 3.15 29.10
C LYS H 197 -13.64 1.80 29.60
N GLU H 198 -12.41 1.80 30.14
CA GLU H 198 -11.81 0.56 30.61
C GLU H 198 -12.56 0.02 31.82
N GLN H 199 -12.78 0.86 32.83
CA GLN H 199 -13.50 0.48 34.05
C GLN H 199 -14.64 1.46 34.26
N PRO H 200 -15.81 1.21 33.67
CA PRO H 200 -16.93 2.17 33.82
C PRO H 200 -17.44 2.31 35.24
N ALA H 201 -17.11 1.36 36.13
CA ALA H 201 -17.64 1.41 37.49
C ALA H 201 -17.13 2.63 38.25
N LEU H 202 -15.87 2.98 38.05
CA LEU H 202 -15.22 4.02 38.85
C LEU H 202 -14.69 5.13 37.95
N ASN H 203 -14.39 6.26 38.58
CA ASN H 203 -14.02 7.50 37.91
C ASN H 203 -12.63 7.41 37.29
N ASP H 204 -12.16 8.56 36.80
CA ASP H 204 -10.82 8.75 36.19
C ASP H 204 -10.35 7.49 35.45
N SER H 205 -11.18 7.05 34.50
CA SER H 205 -10.94 5.82 33.74
C SER H 205 -10.51 6.16 32.33
N ARG H 206 -9.55 5.40 31.80
CA ARG H 206 -9.04 5.64 30.46
C ARG H 206 -9.96 4.99 29.43
N TYR H 207 -9.60 5.15 28.16
CA TYR H 207 -10.49 4.82 27.05
C TYR H 207 -9.85 3.81 26.10
N CYS H 208 -10.72 3.11 25.37
CA CYS H 208 -10.31 2.12 24.37
C CYS H 208 -11.11 2.32 23.09
N LEU H 209 -10.53 1.87 21.98
CA LEU H 209 -11.17 1.95 20.68
C LEU H 209 -10.66 0.81 19.82
N SER H 210 -11.54 0.32 18.94
CA SER H 210 -11.21 -0.81 18.07
C SER H 210 -11.70 -0.55 16.67
N SER H 211 -11.03 -1.15 15.70
CA SER H 211 -11.41 -1.01 14.30
C SER H 211 -11.13 -2.31 13.56
N ARG H 212 -11.92 -2.56 12.51
CA ARG H 212 -11.80 -3.76 11.71
C ARG H 212 -11.66 -3.40 10.24
N LEU H 213 -10.74 -4.08 9.56
CA LEU H 213 -10.60 -3.98 8.10
C LEU H 213 -10.68 -5.39 7.52
N ARG H 214 -11.63 -5.58 6.60
CA ARG H 214 -11.83 -6.87 5.97
C ARG H 214 -11.38 -6.81 4.52
N VAL H 215 -10.65 -7.83 4.10
CA VAL H 215 -9.97 -7.87 2.81
C VAL H 215 -10.15 -9.27 2.24
N SER H 216 -10.09 -9.39 0.91
CA SER H 216 -10.09 -10.71 0.29
C SER H 216 -8.81 -11.46 0.66
N ALA H 217 -8.90 -12.79 0.67
CA ALA H 217 -7.79 -13.60 1.14
C ALA H 217 -6.56 -13.45 0.26
N THR H 218 -6.76 -13.37 -1.07
CA THR H 218 -5.63 -13.27 -1.97
C THR H 218 -4.86 -11.97 -1.76
N PHE H 219 -5.56 -10.88 -1.49
CA PHE H 219 -4.90 -9.60 -1.27
C PHE H 219 -4.04 -9.61 -0.02
N TRP H 220 -4.49 -10.31 1.03
CA TRP H 220 -3.77 -10.27 2.30
C TRP H 220 -2.44 -11.00 2.22
N GLN H 221 -2.43 -12.21 1.66
CA GLN H 221 -1.23 -13.03 1.68
C GLN H 221 -0.30 -12.75 0.50
N ASN H 222 -0.38 -11.56 -0.09
CA ASN H 222 0.66 -11.09 -0.99
C ASN H 222 1.70 -10.35 -0.17
N PRO H 223 2.94 -10.84 -0.09
CA PRO H 223 3.93 -10.20 0.79
C PRO H 223 4.33 -8.80 0.34
N ARG H 224 3.89 -8.34 -0.81
CA ARG H 224 4.21 -6.99 -1.28
C ARG H 224 3.28 -5.93 -0.73
N ASN H 225 2.18 -6.32 -0.09
CA ASN H 225 1.19 -5.36 0.40
C ASN H 225 1.54 -4.89 1.79
N HIS H 226 1.29 -3.61 2.05
CA HIS H 226 1.59 -2.98 3.33
C HIS H 226 0.32 -2.42 3.93
N PHE H 227 0.00 -2.82 5.16
CA PHE H 227 -1.18 -2.35 5.85
C PHE H 227 -0.75 -1.55 7.07
N ARG H 228 -1.46 -0.45 7.35
CA ARG H 228 -1.09 0.40 8.46
C ARG H 228 -2.35 0.97 9.11
N CYS H 229 -2.39 0.97 10.43
CA CYS H 229 -3.44 1.59 11.20
C CYS H 229 -2.87 2.83 11.89
N GLN H 230 -3.51 3.97 11.67
CA GLN H 230 -3.02 5.24 12.16
C GLN H 230 -4.04 5.88 13.07
N VAL H 231 -3.59 6.40 14.20
CA VAL H 231 -4.46 7.05 15.18
C VAL H 231 -3.90 8.44 15.46
N GLN H 232 -4.69 9.46 15.13
CA GLN H 232 -4.34 10.84 15.42
C GLN H 232 -4.93 11.21 16.78
N PHE H 233 -4.07 11.65 17.69
CA PHE H 233 -4.45 11.95 19.06
C PHE H 233 -4.25 13.43 19.34
N TYR H 234 -5.28 14.09 19.86
CA TYR H 234 -5.23 15.51 20.19
C TYR H 234 -5.06 15.65 21.69
N GLY H 235 -3.97 16.29 22.11
CA GLY H 235 -3.65 16.43 23.51
C GLY H 235 -3.22 17.84 23.83
N LEU H 236 -2.18 17.95 24.68
CA LEU H 236 -1.70 19.23 25.13
C LEU H 236 -1.04 20.00 23.99
N SER H 237 -0.99 21.33 24.14
CA SER H 237 -0.32 22.20 23.20
C SER H 237 1.05 22.61 23.76
N GLU H 238 1.80 23.35 22.94
CA GLU H 238 3.14 23.76 23.33
C GLU H 238 3.15 24.86 24.38
N ASN H 239 1.99 25.45 24.69
CA ASN H 239 1.89 26.53 25.66
C ASN H 239 1.36 26.04 27.00
N ASP H 240 1.74 24.85 27.42
CA ASP H 240 1.28 24.27 28.68
C ASP H 240 2.48 23.87 29.53
N GLU H 241 2.39 24.14 30.82
CA GLU H 241 3.47 23.79 31.74
C GLU H 241 3.49 22.29 31.95
N TRP H 242 4.68 21.68 31.82
CA TRP H 242 4.87 20.26 32.04
C TRP H 242 6.05 20.05 32.96
N THR H 243 5.79 19.51 34.14
CA THR H 243 6.82 19.25 35.15
C THR H 243 6.80 17.79 35.58
N GLN H 244 6.69 16.89 34.61
CA GLN H 244 6.67 15.46 34.88
C GLN H 244 7.84 14.77 34.19
N ASP H 245 8.30 13.67 34.79
CA ASP H 245 9.47 12.97 34.27
C ASP H 245 9.21 12.40 32.89
N ARG H 246 8.03 11.83 32.67
CA ARG H 246 7.73 11.20 31.39
C ARG H 246 7.56 12.26 30.30
N ALA H 247 7.36 11.81 29.08
CA ALA H 247 7.27 12.70 27.94
C ALA H 247 6.00 13.54 28.01
N LYS H 248 6.01 14.66 27.29
CA LYS H 248 4.85 15.54 27.26
C LYS H 248 3.80 15.00 26.30
N PRO H 249 2.59 14.70 26.77
CA PRO H 249 1.53 14.17 25.89
C PRO H 249 0.90 15.24 24.99
N VAL H 250 1.55 15.50 23.87
CA VAL H 250 1.11 16.51 22.92
C VAL H 250 0.38 15.83 21.77
N THR H 251 -0.30 16.63 20.95
CA THR H 251 -0.96 16.12 19.76
C THR H 251 0.03 15.38 18.88
N GLN H 252 -0.30 14.16 18.49
CA GLN H 252 0.66 13.32 17.77
C GLN H 252 -0.11 12.27 16.97
N ILE H 253 0.65 11.36 16.36
CA ILE H 253 0.10 10.26 15.56
C ILE H 253 0.81 8.98 15.99
N VAL H 254 0.04 7.94 16.28
CA VAL H 254 0.58 6.64 16.67
C VAL H 254 0.11 5.62 15.64
N SER H 255 1.06 4.84 15.11
CA SER H 255 0.78 3.94 14.01
C SER H 255 1.24 2.52 14.32
N ALA H 256 0.61 1.57 13.63
CA ALA H 256 1.03 0.18 13.64
C ALA H 256 1.04 -0.33 12.21
N GLU H 257 2.02 -1.16 11.87
CA GLU H 257 2.22 -1.60 10.51
C GLU H 257 2.24 -3.12 10.42
N ALA H 258 2.00 -3.63 9.22
CA ALA H 258 2.08 -5.06 8.96
C ALA H 258 2.32 -5.30 7.47
N TRP H 259 3.02 -6.38 7.17
CA TRP H 259 3.22 -6.85 5.81
C TRP H 259 2.29 -8.01 5.53
N GLY H 260 1.96 -8.20 4.25
CA GLY H 260 1.23 -9.38 3.85
C GLY H 260 2.00 -10.64 4.22
N ARG H 261 1.27 -11.66 4.66
CA ARG H 261 1.89 -12.86 5.20
C ARG H 261 1.30 -14.09 4.54
N ALA H 262 2.15 -14.89 3.91
CA ALA H 262 1.78 -16.20 3.38
C ALA H 262 2.69 -17.22 4.07
N ASP H 263 2.19 -17.80 5.17
CA ASP H 263 3.04 -18.68 5.97
C ASP H 263 3.35 -19.99 5.27
N CYS H 264 2.44 -20.49 4.44
CA CYS H 264 2.63 -21.75 3.73
C CYS H 264 2.42 -21.54 2.25
N GLY H 265 3.40 -21.90 1.44
CA GLY H 265 3.31 -21.80 0.01
C GLY H 265 4.59 -21.24 -0.58
N PHE H 266 4.54 -20.93 -1.87
CA PHE H 266 5.67 -20.41 -2.62
C PHE H 266 5.37 -18.96 -2.99
N THR H 267 6.14 -18.03 -2.42
CA THR H 267 5.95 -16.61 -2.65
C THR H 267 7.13 -16.05 -3.45
N SER H 268 7.12 -14.72 -3.64
CA SER H 268 8.15 -14.08 -4.45
C SER H 268 9.50 -14.08 -3.75
N VAL H 269 9.51 -14.06 -2.41
CA VAL H 269 10.77 -14.05 -1.68
C VAL H 269 11.55 -15.33 -1.91
N SER H 270 10.85 -16.47 -1.87
CA SER H 270 11.51 -17.75 -2.10
C SER H 270 12.08 -17.82 -3.52
N TYR H 271 11.31 -17.35 -4.50
CA TYR H 271 11.78 -17.39 -5.88
C TYR H 271 13.00 -16.50 -6.05
N GLN H 272 12.98 -15.32 -5.42
CA GLN H 272 14.13 -14.41 -5.50
C GLN H 272 15.38 -15.04 -4.90
N GLN H 273 15.23 -15.68 -3.73
CA GLN H 273 16.38 -16.34 -3.12
C GLN H 273 16.92 -17.47 -4.00
N GLY H 274 16.03 -18.27 -4.57
CA GLY H 274 16.47 -19.35 -5.45
C GLY H 274 17.21 -18.83 -6.66
N VAL H 275 16.70 -17.76 -7.28
CA VAL H 275 17.34 -17.21 -8.46
C VAL H 275 18.72 -16.66 -8.11
N LEU H 276 18.83 -15.98 -6.96
CA LEU H 276 20.14 -15.44 -6.56
C LEU H 276 21.15 -16.57 -6.35
N SER H 277 20.74 -17.64 -5.66
CA SER H 277 21.66 -18.74 -5.43
C SER H 277 22.07 -19.39 -6.74
N ALA H 278 21.12 -19.57 -7.66
CA ALA H 278 21.47 -20.14 -8.96
C ALA H 278 22.45 -19.25 -9.71
N THR H 279 22.26 -17.93 -9.64
CA THR H 279 23.18 -17.03 -10.33
C THR H 279 24.59 -17.18 -9.80
N ILE H 280 24.74 -17.22 -8.48
CA ILE H 280 26.08 -17.33 -7.89
C ILE H 280 26.72 -18.66 -8.29
N LEU H 281 25.95 -19.75 -8.22
CA LEU H 281 26.51 -21.06 -8.54
C LEU H 281 26.95 -21.13 -10.00
N TYR H 282 26.13 -20.61 -10.92
CA TYR H 282 26.51 -20.65 -12.32
C TYR H 282 27.70 -19.75 -12.64
N GLU H 283 27.84 -18.62 -11.93
CA GLU H 283 29.03 -17.81 -12.11
C GLU H 283 30.29 -18.59 -11.69
N ILE H 284 30.21 -19.29 -10.55
CA ILE H 284 31.37 -20.07 -10.10
C ILE H 284 31.70 -21.17 -11.10
N LEU H 285 30.68 -21.87 -11.60
CA LEU H 285 30.91 -22.95 -12.56
C LEU H 285 31.51 -22.42 -13.85
N LEU H 286 31.03 -21.25 -14.31
CA LEU H 286 31.61 -20.65 -15.51
C LEU H 286 33.07 -20.29 -15.31
N GLY H 287 33.41 -19.78 -14.13
CA GLY H 287 34.81 -19.50 -13.84
C GLY H 287 35.68 -20.74 -13.90
N LYS H 288 35.21 -21.83 -13.29
CA LYS H 288 35.97 -23.08 -13.36
C LYS H 288 36.13 -23.56 -14.80
N ALA H 289 35.05 -23.51 -15.57
CA ALA H 289 35.11 -23.99 -16.95
C ALA H 289 36.08 -23.17 -17.79
N THR H 290 36.08 -21.84 -17.62
CA THR H 290 37.00 -21.03 -18.42
C THR H 290 38.44 -21.22 -17.97
N LEU H 291 38.68 -21.49 -16.68
CA LEU H 291 40.02 -21.83 -16.24
C LEU H 291 40.50 -23.10 -16.93
N TYR H 292 39.64 -24.12 -16.97
CA TYR H 292 40.02 -25.37 -17.65
C TYR H 292 40.26 -25.12 -19.14
N ALA H 293 39.46 -24.25 -19.75
CA ALA H 293 39.64 -23.94 -21.17
C ALA H 293 41.00 -23.30 -21.41
N VAL H 294 41.39 -22.35 -20.56
CA VAL H 294 42.70 -21.73 -20.69
C VAL H 294 43.80 -22.77 -20.56
N LEU H 295 43.67 -23.66 -19.57
CA LEU H 295 44.69 -24.68 -19.37
C LEU H 295 44.84 -25.59 -20.59
N VAL H 296 43.72 -26.07 -21.13
CA VAL H 296 43.79 -27.01 -22.24
C VAL H 296 44.28 -26.31 -23.50
N SER H 297 43.89 -25.04 -23.71
CA SER H 297 44.41 -24.29 -24.85
C SER H 297 45.91 -24.10 -24.75
N ALA H 298 46.40 -23.80 -23.55
CA ALA H 298 47.85 -23.66 -23.36
C ALA H 298 48.56 -24.96 -23.65
N LEU H 299 48.00 -26.09 -23.19
CA LEU H 299 48.63 -27.38 -23.48
C LEU H 299 48.66 -27.66 -24.97
N VAL H 300 47.56 -27.38 -25.69
CA VAL H 300 47.53 -27.61 -27.13
C VAL H 300 48.59 -26.77 -27.83
N LEU H 301 48.66 -25.48 -27.48
CA LEU H 301 49.62 -24.60 -28.12
C LEU H 301 51.05 -25.03 -27.82
N MET H 302 51.32 -25.43 -26.58
CA MET H 302 52.66 -25.89 -26.21
C MET H 302 53.03 -27.14 -26.99
N ALA H 303 52.10 -28.09 -27.11
CA ALA H 303 52.38 -29.29 -27.88
C ALA H 303 52.65 -28.97 -29.34
N MET H 304 51.86 -28.08 -29.93
CA MET H 304 52.06 -27.72 -31.32
C MET H 304 53.41 -27.05 -31.53
N VAL H 305 53.80 -26.18 -30.61
CA VAL H 305 55.07 -25.48 -30.74
C VAL H 305 56.24 -26.45 -30.57
N LYS H 306 56.18 -27.30 -29.53
CA LYS H 306 57.30 -28.18 -29.24
C LYS H 306 57.41 -29.32 -30.23
N ARG H 307 56.34 -29.66 -30.95
CA ARG H 307 56.43 -30.70 -31.97
C ARG H 307 57.41 -30.30 -33.07
N LYS H 308 57.34 -29.05 -33.51
CA LYS H 308 58.21 -28.57 -34.58
C LYS H 308 59.60 -28.24 -34.06
#